data_8S39
#
_entry.id   8S39
#
_cell.length_a   94.728
_cell.length_b   162.769
_cell.length_c   216.988
_cell.angle_alpha   90.000
_cell.angle_beta   90.000
_cell.angle_gamma   90.000
#
_symmetry.space_group_name_H-M   'I 21 21 21'
#
loop_
_entity.id
_entity.type
_entity.pdbx_description
1 polymer 'Glutamate dehydrogenase'
2 non-polymer 1,2-ETHANEDIOL
3 non-polymer NICOTINAMIDE-ADENINE-DINUCLEOTIDE
4 non-polymer 'SODIUM ION'
5 non-polymer 'CALCIUM ION'
6 non-polymer DI(HYDROXYETHYL)ETHER
7 non-polymer 'TETRAETHYLENE GLYCOL'
8 non-polymer 'benzene-1,3-dicarboxylic acid'
9 water water
#
_entity_poly.entity_id   1
_entity_poly.type   'polypeptide(L)'
_entity_poly.pdbx_seq_one_letter_code
;SNAMNALVATNRNFQRASRILGLDSKLEKSLLIPYREIKVECTIPKDDGSLVSYVGFRIQHDNARGPMKGGIRYHPEVDP
DEVNALAQLMTWKTAVVDIPYGGAKGGIGCNPKDLSISELERLTRVFTQKIHDLIGIHRDVPAPDMGTNSQTMAWILDEY
SKFHGHSPAVVTGKPIDLGGSLGREAATGLGVVFATEALFAEYGKSISDMTFAIQGFGNVGTWAAKAIFERGGKVVAVSD
INGAISNPNGIDIAALLKHKAGNGSLKDFSGGDAMNPNDLLVHDCDVLIPCALGGVLNKENANDVKAKFIIEAANHPTDP
DADEILSKKGVIILPDVYANAGGVTVSYFEWVQNIQGFMWDEEKVNQELKRYMTKAFNDIKANCKTHNCDLRMGAFTLGL
NRVARATLLRGWEA
;
_entity_poly.pdbx_strand_id   A,B,C
#
# COMPACT_ATOMS: atom_id res chain seq x y z
N THR A 10 -20.59 29.64 -9.58
CA THR A 10 -21.85 30.28 -9.25
C THR A 10 -22.99 29.37 -9.73
N ASN A 11 -24.22 29.72 -9.35
CA ASN A 11 -25.33 28.78 -9.45
C ASN A 11 -25.66 28.42 -10.90
N ARG A 12 -25.80 29.42 -11.76
CA ARG A 12 -26.22 29.16 -13.13
C ARG A 12 -25.22 28.29 -13.87
N ASN A 13 -23.93 28.43 -13.56
CA ASN A 13 -22.90 27.63 -14.21
C ASN A 13 -23.08 26.15 -13.91
N PHE A 14 -23.28 25.81 -12.64
CA PHE A 14 -23.53 24.43 -12.27
C PHE A 14 -24.74 23.90 -13.01
N GLN A 15 -25.72 24.75 -13.25
CA GLN A 15 -26.93 24.29 -13.90
C GLN A 15 -26.65 23.92 -15.34
N ARG A 16 -25.79 24.70 -16.01
CA ARG A 16 -25.52 24.39 -17.41
C ARG A 16 -24.72 23.09 -17.51
N ALA A 17 -23.76 22.91 -16.61
CA ALA A 17 -23.02 21.66 -16.57
C ALA A 17 -23.96 20.48 -16.30
N SER A 18 -24.84 20.62 -15.31
CA SER A 18 -25.78 19.55 -15.00
C SER A 18 -26.65 19.23 -16.19
N ARG A 19 -27.04 20.26 -16.94
CA ARG A 19 -27.95 20.04 -18.05
C ARG A 19 -27.20 19.48 -19.24
N ILE A 20 -25.97 19.95 -19.46
CA ILE A 20 -25.12 19.36 -20.50
C ILE A 20 -25.03 17.85 -20.27
N LEU A 21 -24.89 17.43 -19.02
CA LEU A 21 -24.75 16.01 -18.70
C LEU A 21 -26.08 15.28 -18.64
N GLY A 22 -27.18 16.01 -18.55
CA GLY A 22 -28.49 15.39 -18.52
C GLY A 22 -28.88 14.87 -17.14
N LEU A 23 -28.36 15.47 -16.08
CA LEU A 23 -28.65 14.98 -14.74
C LEU A 23 -30.09 15.28 -14.37
N ASP A 24 -30.67 14.38 -13.59
CA ASP A 24 -31.99 14.58 -13.03
C ASP A 24 -31.98 15.72 -12.01
N SER A 25 -33.04 16.53 -12.00
CA SER A 25 -33.14 17.64 -11.04
C SER A 25 -33.02 17.16 -9.60
N LYS A 26 -33.49 15.96 -9.29
CA LYS A 26 -33.44 15.52 -7.90
C LYS A 26 -32.05 15.12 -7.54
N LEU A 27 -31.31 14.55 -8.49
CA LEU A 27 -29.90 14.31 -8.23
C LEU A 27 -29.15 15.63 -8.10
N GLU A 28 -29.39 16.58 -9.01
CA GLU A 28 -28.82 17.91 -8.87
C GLU A 28 -28.99 18.44 -7.46
N LYS A 29 -30.22 18.36 -6.95
CA LYS A 29 -30.47 18.94 -5.65
C LYS A 29 -29.60 18.26 -4.60
N SER A 30 -29.54 16.94 -4.65
CA SER A 30 -28.70 16.22 -3.68
C SER A 30 -27.26 16.68 -3.77
N LEU A 31 -26.71 16.77 -4.98
CA LEU A 31 -25.30 17.15 -5.13
C LEU A 31 -25.01 18.54 -4.62
N LEU A 32 -26.01 19.39 -4.51
CA LEU A 32 -25.80 20.74 -4.03
C LEU A 32 -25.91 20.85 -2.52
N ILE A 33 -26.48 19.86 -1.85
CA ILE A 33 -26.60 19.89 -0.39
C ILE A 33 -25.34 19.27 0.19
N PRO A 34 -24.58 19.98 1.02
CA PRO A 34 -23.40 19.35 1.61
C PRO A 34 -23.77 18.15 2.47
N TYR A 35 -22.90 17.14 2.42
CA TYR A 35 -23.01 15.96 3.29
C TYR A 35 -23.18 16.38 4.74
N ARG A 36 -22.31 17.27 5.22
CA ARG A 36 -22.37 17.69 6.61
C ARG A 36 -21.72 19.08 6.76
N GLU A 37 -22.31 19.92 7.61
CA GLU A 37 -21.71 21.20 7.99
C GLU A 37 -21.60 21.24 9.51
N ILE A 38 -20.42 21.65 10.00
CA ILE A 38 -20.06 21.64 11.43
C ILE A 38 -19.61 23.02 11.82
N LYS A 39 -20.10 23.53 12.96
CA LYS A 39 -19.52 24.69 13.64
C LYS A 39 -19.26 24.32 15.09
N VAL A 40 -18.08 24.67 15.61
CA VAL A 40 -17.67 24.28 16.96
C VAL A 40 -17.06 25.47 17.68
N GLU A 41 -17.23 25.49 19.00
CA GLU A 41 -16.60 26.50 19.82
C GLU A 41 -15.13 26.14 19.99
N CYS A 42 -14.24 27.09 19.75
CA CYS A 42 -12.82 26.94 20.01
C CYS A 42 -12.41 28.04 20.96
N THR A 43 -12.26 27.71 22.24
CA THR A 43 -11.86 28.67 23.26
C THR A 43 -10.54 28.25 23.89
N ILE A 44 -9.62 29.21 24.04
CA ILE A 44 -8.28 28.91 24.55
C ILE A 44 -7.88 29.99 25.54
N PRO A 45 -6.93 29.67 26.43
CA PRO A 45 -6.30 30.74 27.21
C PRO A 45 -5.25 31.41 26.35
N LYS A 46 -5.27 32.74 26.34
CA LYS A 46 -4.14 33.48 25.80
C LYS A 46 -2.90 33.28 26.69
N ASP A 47 -1.76 33.74 26.15
CA ASP A 47 -0.50 33.68 26.90
C ASP A 47 -0.58 34.38 28.24
N ASP A 48 -1.41 35.43 28.37
CA ASP A 48 -1.59 36.09 29.65
C ASP A 48 -2.67 35.42 30.52
N GLY A 49 -3.26 34.31 30.06
CA GLY A 49 -4.23 33.62 30.85
C GLY A 49 -5.68 34.00 30.61
N SER A 50 -5.93 35.17 30.01
CA SER A 50 -7.32 35.52 29.69
C SER A 50 -7.84 34.70 28.52
N LEU A 51 -9.15 34.57 28.43
CA LEU A 51 -9.77 33.70 27.44
C LEU A 51 -10.07 34.43 26.14
N VAL A 52 -10.07 33.68 25.04
CA VAL A 52 -10.60 34.16 23.78
C VAL A 52 -11.40 33.02 23.18
N SER A 53 -12.55 33.34 22.59
CA SER A 53 -13.44 32.37 21.99
C SER A 53 -13.62 32.65 20.49
N TYR A 54 -13.46 31.63 19.69
CA TYR A 54 -13.71 31.67 18.26
C TYR A 54 -14.64 30.52 17.90
N VAL A 55 -15.11 30.54 16.64
CA VAL A 55 -15.89 29.47 16.07
C VAL A 55 -15.11 28.84 14.93
N GLY A 56 -14.83 27.56 15.05
CA GLY A 56 -14.25 26.79 13.99
C GLY A 56 -15.34 26.08 13.22
N PHE A 57 -15.04 25.68 12.00
CA PHE A 57 -16.08 25.16 11.13
C PHE A 57 -15.44 24.23 10.12
N ARG A 58 -16.24 23.31 9.59
CA ARG A 58 -15.82 22.39 8.54
C ARG A 58 -17.06 22.06 7.71
N ILE A 59 -16.99 22.40 6.44
CA ILE A 59 -18.01 22.02 5.48
C ILE A 59 -17.50 20.81 4.73
N GLN A 60 -18.23 19.71 4.87
CA GLN A 60 -17.88 18.45 4.24
C GLN A 60 -18.87 18.27 3.10
N HIS A 61 -18.46 18.61 1.88
CA HIS A 61 -19.46 18.72 0.84
C HIS A 61 -19.87 17.35 0.29
N ASP A 62 -18.92 16.50 -0.05
CA ASP A 62 -19.32 15.29 -0.76
C ASP A 62 -18.25 14.21 -0.56
N ASN A 63 -18.68 12.94 -0.41
CA ASN A 63 -17.70 11.88 -0.24
C ASN A 63 -18.05 10.67 -1.08
N ALA A 64 -18.78 10.88 -2.17
CA ALA A 64 -19.14 9.77 -3.05
C ALA A 64 -17.90 9.07 -3.59
N ARG A 65 -16.83 9.82 -3.92
CA ARG A 65 -15.66 9.24 -4.57
C ARG A 65 -14.53 8.90 -3.62
N GLY A 66 -14.63 9.31 -2.36
CA GLY A 66 -13.60 9.04 -1.40
C GLY A 66 -13.78 9.96 -0.22
N PRO A 67 -12.88 9.84 0.75
CA PRO A 67 -12.83 10.82 1.83
C PRO A 67 -12.83 12.25 1.34
N MET A 68 -13.39 13.13 2.15
CA MET A 68 -13.31 14.53 1.78
C MET A 68 -11.88 15.04 1.94
N LYS A 69 -11.61 16.19 1.34
CA LYS A 69 -10.34 16.85 1.57
C LYS A 69 -10.47 18.33 1.26
N GLY A 70 -9.61 19.12 1.90
CA GLY A 70 -9.69 20.56 1.69
C GLY A 70 -9.08 21.34 2.83
N GLY A 71 -8.87 22.65 2.54
CA GLY A 71 -8.04 23.48 3.38
C GLY A 71 -8.73 23.92 4.65
N ILE A 72 -7.89 24.41 5.56
CA ILE A 72 -8.25 25.04 6.82
C ILE A 72 -7.75 26.45 6.73
N ARG A 73 -8.64 27.40 6.87
CA ARG A 73 -8.37 28.81 6.64
C ARG A 73 -8.46 29.53 7.99
N TYR A 74 -7.38 30.16 8.43
CA TYR A 74 -7.44 30.97 9.65
C TYR A 74 -7.59 32.41 9.17
N HIS A 75 -8.83 32.93 9.23
CA HIS A 75 -9.04 34.25 8.65
C HIS A 75 -10.31 34.83 9.25
N PRO A 76 -10.38 36.12 9.49
CA PRO A 76 -11.57 36.65 10.16
C PRO A 76 -12.82 36.81 9.29
N GLU A 77 -12.70 37.26 8.06
CA GLU A 77 -13.87 37.33 7.19
C GLU A 77 -14.32 35.91 6.88
N VAL A 78 -15.49 35.52 7.40
CA VAL A 78 -16.04 34.19 7.12
C VAL A 78 -17.43 34.35 6.54
N ASP A 79 -17.55 34.09 5.23
CA ASP A 79 -18.85 34.05 4.60
C ASP A 79 -19.26 32.61 4.47
N PRO A 80 -20.37 32.19 5.11
CA PRO A 80 -20.79 30.78 4.99
C PRO A 80 -21.01 30.34 3.55
N ASP A 81 -21.55 31.22 2.72
CA ASP A 81 -21.85 30.82 1.35
C ASP A 81 -20.58 30.61 0.53
N GLU A 82 -19.56 31.45 0.77
CA GLU A 82 -18.30 31.25 0.06
C GLU A 82 -17.63 29.95 0.48
N VAL A 83 -17.68 29.65 1.77
CA VAL A 83 -17.04 28.44 2.26
C VAL A 83 -17.71 27.22 1.65
N ASN A 84 -19.05 27.29 1.51
CA ASN A 84 -19.81 26.22 0.88
C ASN A 84 -19.42 26.08 -0.59
N ALA A 85 -19.33 27.22 -1.29
CA ALA A 85 -18.96 27.16 -2.70
C ALA A 85 -17.55 26.57 -2.88
N LEU A 86 -16.60 26.95 -2.04
CA LEU A 86 -15.24 26.43 -2.18
C LEU A 86 -15.17 24.95 -1.88
N ALA A 87 -15.97 24.48 -0.93
CA ALA A 87 -15.98 23.04 -0.65
C ALA A 87 -16.52 22.29 -1.85
N GLN A 88 -17.58 22.82 -2.43
CA GLN A 88 -18.17 22.21 -3.62
C GLN A 88 -17.16 22.16 -4.77
N LEU A 89 -16.41 23.26 -4.96
CA LEU A 89 -15.44 23.31 -6.04
C LEU A 89 -14.37 22.24 -5.86
N MET A 90 -13.97 22.00 -4.63
CA MET A 90 -12.97 20.98 -4.40
C MET A 90 -13.54 19.61 -4.72
N THR A 91 -14.85 19.41 -4.58
CA THR A 91 -15.44 18.14 -5.01
C THR A 91 -15.29 17.93 -6.52
N TRP A 92 -15.57 18.96 -7.32
CA TRP A 92 -15.36 18.85 -8.77
C TRP A 92 -13.88 18.69 -9.11
N LYS A 93 -13.01 19.44 -8.44
CA LYS A 93 -11.59 19.47 -8.78
C LYS A 93 -10.93 18.11 -8.54
N THR A 94 -11.19 17.52 -7.36
CA THR A 94 -10.64 16.20 -7.09
C THR A 94 -11.08 15.23 -8.17
N ALA A 95 -12.32 15.39 -8.65
CA ALA A 95 -12.86 14.48 -9.67
C ALA A 95 -12.21 14.72 -11.01
N VAL A 96 -11.91 15.98 -11.33
CA VAL A 96 -11.29 16.29 -12.64
C VAL A 96 -9.97 15.54 -12.80
N VAL A 97 -9.16 15.50 -11.77
CA VAL A 97 -7.85 14.86 -11.90
C VAL A 97 -7.89 13.39 -11.42
N ASP A 98 -9.09 12.89 -11.13
CA ASP A 98 -9.30 11.47 -10.85
C ASP A 98 -8.53 11.02 -9.60
N ILE A 99 -8.59 11.81 -8.54
CA ILE A 99 -8.01 11.33 -7.29
C ILE A 99 -9.17 11.00 -6.36
N PRO A 100 -9.00 10.04 -5.46
CA PRO A 100 -10.17 9.43 -4.75
C PRO A 100 -10.57 10.21 -3.50
N TYR A 101 -11.10 11.40 -3.71
CA TYR A 101 -11.55 12.25 -2.63
C TYR A 101 -12.79 13.00 -3.09
N GLY A 102 -13.55 13.49 -2.12
CA GLY A 102 -14.46 14.59 -2.31
C GLY A 102 -13.92 15.89 -1.70
N GLY A 103 -14.80 16.89 -1.64
CA GLY A 103 -14.41 18.25 -1.31
C GLY A 103 -14.91 18.67 0.06
N ALA A 104 -14.10 19.48 0.73
CA ALA A 104 -14.43 20.04 2.03
C ALA A 104 -13.68 21.35 2.17
N LYS A 105 -14.15 22.16 3.10
CA LYS A 105 -13.44 23.41 3.40
C LYS A 105 -13.77 23.77 4.84
N GLY A 106 -12.76 24.23 5.59
CA GLY A 106 -12.99 24.64 6.96
C GLY A 106 -12.06 25.76 7.41
N GLY A 107 -12.08 26.06 8.71
CA GLY A 107 -11.25 27.14 9.20
C GLY A 107 -11.68 27.56 10.58
N ILE A 108 -11.12 28.69 10.99
CA ILE A 108 -11.47 29.35 12.23
C ILE A 108 -11.54 30.84 11.97
N GLY A 109 -12.58 31.46 12.50
CA GLY A 109 -12.78 32.87 12.30
C GLY A 109 -11.94 33.63 13.29
N CYS A 110 -10.67 33.82 12.94
CA CYS A 110 -9.74 34.55 13.75
C CYS A 110 -8.78 35.30 12.83
N ASN A 111 -8.03 36.21 13.45
CA ASN A 111 -6.93 36.89 12.78
C ASN A 111 -5.61 36.40 13.37
N PRO A 112 -4.89 35.50 12.70
CA PRO A 112 -3.60 35.02 13.25
C PRO A 112 -2.61 36.13 13.57
N LYS A 113 -2.76 37.31 13.00
CA LYS A 113 -1.80 38.34 13.36
C LYS A 113 -2.02 38.86 14.78
N ASP A 114 -3.20 38.61 15.37
CA ASP A 114 -3.40 38.94 16.78
C ASP A 114 -2.92 37.84 17.74
N LEU A 115 -2.50 36.68 17.23
CA LEU A 115 -2.18 35.55 18.10
C LEU A 115 -0.69 35.25 18.07
N SER A 116 -0.13 34.98 19.25
CA SER A 116 1.24 34.48 19.36
C SER A 116 1.30 33.05 18.86
N ILE A 117 2.52 32.55 18.69
CA ILE A 117 2.68 31.21 18.11
C ILE A 117 2.19 30.15 19.08
N SER A 118 2.34 30.35 20.39
CA SER A 118 1.79 29.36 21.32
C SER A 118 0.28 29.42 21.37
N GLU A 119 -0.30 30.61 21.16
CA GLU A 119 -1.76 30.71 21.07
C GLU A 119 -2.29 30.01 19.82
N LEU A 120 -1.61 30.19 18.69
CA LEU A 120 -2.05 29.49 17.49
C LEU A 120 -2.00 27.98 17.68
N GLU A 121 -0.94 27.48 18.32
CA GLU A 121 -0.85 26.05 18.57
C GLU A 121 -1.99 25.59 19.46
N ARG A 122 -2.22 26.28 20.58
CA ARG A 122 -3.34 25.88 21.43
C ARG A 122 -4.64 25.92 20.66
N LEU A 123 -4.82 26.95 19.82
CA LEU A 123 -6.07 27.07 19.08
C LEU A 123 -6.22 25.88 18.14
N THR A 124 -5.14 25.55 17.44
CA THR A 124 -5.19 24.44 16.50
C THR A 124 -5.51 23.13 17.20
N ARG A 125 -4.89 22.90 18.36
CA ARG A 125 -5.12 21.65 19.12
C ARG A 125 -6.56 21.58 19.64
N VAL A 126 -7.07 22.66 20.21
CA VAL A 126 -8.47 22.65 20.64
C VAL A 126 -9.38 22.40 19.46
N PHE A 127 -9.11 23.05 18.34
CA PHE A 127 -9.95 22.84 17.18
C PHE A 127 -9.95 21.38 16.80
N THR A 128 -8.77 20.76 16.81
CA THR A 128 -8.67 19.36 16.46
C THR A 128 -9.41 18.51 17.46
N GLN A 129 -9.28 18.83 18.75
CA GLN A 129 -10.07 18.13 19.77
C GLN A 129 -11.54 18.18 19.45
N LYS A 130 -12.02 19.29 18.93
CA LYS A 130 -13.44 19.41 18.70
C LYS A 130 -13.90 18.75 17.40
N ILE A 131 -13.01 18.42 16.46
CA ILE A 131 -13.45 17.84 15.20
C ILE A 131 -12.84 16.46 14.93
N HIS A 132 -12.14 15.89 15.89
CA HIS A 132 -11.35 14.69 15.58
C HIS A 132 -12.23 13.53 15.15
N ASP A 133 -13.45 13.47 15.66
CA ASP A 133 -14.43 12.45 15.34
C ASP A 133 -15.04 12.64 13.96
N LEU A 134 -14.84 13.82 13.34
CA LEU A 134 -15.44 14.17 12.07
C LEU A 134 -14.45 14.08 10.90
N ILE A 135 -13.15 13.95 11.19
CA ILE A 135 -12.11 13.82 10.19
C ILE A 135 -11.44 12.47 10.32
N GLY A 136 -10.49 12.19 9.45
CA GLY A 136 -9.74 10.96 9.55
C GLY A 136 -9.23 10.54 8.19
N ILE A 137 -8.29 9.61 8.22
CA ILE A 137 -7.54 9.21 7.03
C ILE A 137 -8.49 8.81 5.91
N HIS A 138 -9.58 8.11 6.26
CA HIS A 138 -10.56 7.69 5.26
C HIS A 138 -11.89 8.41 5.39
N ARG A 139 -11.91 9.57 6.05
CA ARG A 139 -13.11 10.35 6.27
C ARG A 139 -13.01 11.75 5.72
N ASP A 140 -12.02 12.53 6.18
CA ASP A 140 -11.85 13.93 5.78
C ASP A 140 -10.43 14.30 6.12
N VAL A 141 -9.70 14.79 5.14
CA VAL A 141 -8.26 14.99 5.22
C VAL A 141 -7.97 16.48 5.04
N PRO A 142 -7.70 17.22 6.11
CA PRO A 142 -7.44 18.66 5.96
C PRO A 142 -6.09 18.96 5.33
N ALA A 143 -5.92 20.24 4.97
CA ALA A 143 -4.73 20.72 4.29
C ALA A 143 -4.55 22.18 4.68
N PRO A 144 -3.37 22.75 4.41
CA PRO A 144 -3.16 24.18 4.64
C PRO A 144 -3.98 25.03 3.68
N ASP A 145 -4.19 26.28 4.08
CA ASP A 145 -4.93 27.26 3.31
C ASP A 145 -4.48 28.65 3.80
N MET A 146 -5.23 29.68 3.42
CA MET A 146 -4.92 31.03 3.88
C MET A 146 -4.81 31.02 5.40
N GLY A 147 -3.71 31.54 5.91
CA GLY A 147 -3.51 31.65 7.34
C GLY A 147 -2.97 30.42 8.05
N THR A 148 -2.86 29.28 7.38
CA THR A 148 -2.31 28.07 8.00
C THR A 148 -1.17 27.55 7.13
N ASN A 149 -0.33 26.64 7.67
CA ASN A 149 0.84 26.14 6.96
C ASN A 149 1.26 24.77 7.49
N SER A 150 2.47 24.33 7.16
CA SER A 150 2.82 22.94 7.48
C SER A 150 2.93 22.73 8.97
N GLN A 151 3.39 23.76 9.70
CA GLN A 151 3.38 23.72 11.16
C GLN A 151 1.96 23.56 11.70
N THR A 152 0.98 24.24 11.12
CA THR A 152 -0.41 24.00 11.53
C THR A 152 -0.76 22.52 11.37
N MET A 153 -0.39 21.93 10.23
CA MET A 153 -0.72 20.53 9.99
C MET A 153 0.01 19.61 10.97
N ALA A 154 1.26 19.93 11.31
CA ALA A 154 1.96 19.12 12.30
C ALA A 154 1.18 19.09 13.61
N TRP A 155 0.66 20.25 14.03
CA TRP A 155 -0.06 20.29 15.30
C TRP A 155 -1.37 19.52 15.24
N ILE A 156 -2.06 19.55 14.09
CA ILE A 156 -3.26 18.72 13.95
C ILE A 156 -2.90 17.24 14.03
N LEU A 157 -1.88 16.84 13.29
CA LEU A 157 -1.45 15.45 13.35
C LEU A 157 -1.20 15.04 14.79
N ASP A 158 -0.39 15.83 15.48
CA ASP A 158 0.04 15.46 16.83
C ASP A 158 -1.15 15.34 17.76
N GLU A 159 -2.08 16.29 17.71
CA GLU A 159 -3.23 16.19 18.60
C GLU A 159 -4.18 15.07 18.18
N TYR A 160 -4.44 14.93 16.87
CA TYR A 160 -5.34 13.89 16.40
C TYR A 160 -4.85 12.51 16.76
N SER A 161 -3.53 12.29 16.69
CA SER A 161 -2.94 10.99 16.95
C SER A 161 -3.14 10.57 18.41
N LYS A 162 -3.33 11.52 19.32
CA LYS A 162 -3.66 11.14 20.68
C LYS A 162 -4.98 10.41 20.73
N PHE A 163 -5.93 10.81 19.88
CA PHE A 163 -7.25 10.20 19.93
C PHE A 163 -7.35 8.93 19.11
N HIS A 164 -6.58 8.83 18.03
CA HIS A 164 -6.76 7.69 17.12
C HIS A 164 -5.46 6.98 16.79
N GLY A 165 -4.39 7.25 17.53
CA GLY A 165 -3.09 6.67 17.24
C GLY A 165 -2.39 7.34 16.06
N HIS A 166 -1.12 6.97 15.84
CA HIS A 166 -0.30 7.66 14.85
C HIS A 166 -1.00 7.60 13.49
N SER A 167 -1.30 8.76 12.92
CA SER A 167 -2.15 8.85 11.73
C SER A 167 -1.60 9.89 10.76
N PRO A 168 -0.38 9.67 10.25
CA PRO A 168 0.20 10.64 9.31
C PRO A 168 -0.68 10.97 8.12
N ALA A 169 -1.49 10.05 7.64
CA ALA A 169 -2.29 10.40 6.47
C ALA A 169 -3.44 11.32 6.80
N VAL A 170 -3.60 11.74 8.06
CA VAL A 170 -4.83 12.45 8.39
C VAL A 170 -4.83 13.87 7.85
N VAL A 171 -3.67 14.44 7.58
CA VAL A 171 -3.60 15.76 6.96
C VAL A 171 -2.56 15.67 5.86
N THR A 172 -2.65 16.58 4.91
CA THR A 172 -1.59 16.76 3.94
C THR A 172 -0.91 18.11 4.15
N GLY A 173 0.15 18.36 3.37
CA GLY A 173 0.96 19.53 3.55
C GLY A 173 1.86 19.47 4.75
N LYS A 174 2.16 18.27 5.23
CA LYS A 174 3.02 18.14 6.39
C LYS A 174 4.48 18.51 6.09
N PRO A 175 5.24 18.81 7.13
CA PRO A 175 6.71 18.91 6.96
C PRO A 175 7.28 17.56 6.59
N ILE A 176 8.38 17.57 5.84
CA ILE A 176 8.99 16.31 5.41
C ILE A 176 9.38 15.46 6.62
N ASP A 177 9.86 16.09 7.70
CA ASP A 177 10.24 15.32 8.89
C ASP A 177 9.08 14.51 9.49
N LEU A 178 7.84 14.95 9.26
CA LEU A 178 6.67 14.24 9.76
C LEU A 178 5.84 13.59 8.65
N GLY A 179 6.46 13.22 7.53
CA GLY A 179 5.78 12.48 6.50
C GLY A 179 5.32 13.27 5.30
N GLY A 180 5.68 14.54 5.19
CA GLY A 180 5.35 15.28 3.99
C GLY A 180 6.04 14.69 2.77
N SER A 181 5.44 14.92 1.60
CA SER A 181 6.01 14.41 0.38
C SER A 181 7.09 15.33 -0.19
N LEU A 182 8.14 14.71 -0.72
CA LEU A 182 9.01 15.42 -1.64
C LEU A 182 8.18 15.94 -2.82
N GLY A 183 8.66 17.00 -3.46
CA GLY A 183 8.01 17.56 -4.64
C GLY A 183 6.83 18.45 -4.35
N ARG A 184 6.55 18.74 -3.08
CA ARG A 184 5.31 19.44 -2.75
C ARG A 184 5.45 20.92 -3.05
N GLU A 185 6.65 21.46 -2.79
CA GLU A 185 6.94 22.85 -3.07
C GLU A 185 6.71 23.17 -4.54
N ALA A 186 7.30 22.36 -5.42
CA ALA A 186 7.27 22.62 -6.85
C ALA A 186 6.03 22.09 -7.53
N ALA A 187 5.13 21.45 -6.79
CA ALA A 187 4.11 20.59 -7.41
C ALA A 187 3.15 21.40 -8.26
N THR A 188 2.72 22.57 -7.79
CA THR A 188 1.74 23.29 -8.60
C THR A 188 2.38 23.85 -9.86
N GLY A 189 3.54 24.51 -9.75
CA GLY A 189 4.16 25.09 -10.94
C GLY A 189 4.64 24.03 -11.92
N LEU A 190 5.21 22.96 -11.42
CA LEU A 190 5.58 21.87 -12.32
C LEU A 190 4.34 21.24 -12.95
N GLY A 191 3.26 21.10 -12.18
CA GLY A 191 2.02 20.58 -12.73
C GLY A 191 1.47 21.44 -13.86
N VAL A 192 1.49 22.75 -13.68
CA VAL A 192 1.14 23.66 -14.75
C VAL A 192 1.89 23.32 -16.03
N VAL A 193 3.18 22.99 -15.90
CA VAL A 193 3.99 22.75 -17.09
C VAL A 193 3.66 21.40 -17.68
N PHE A 194 3.47 20.37 -16.85
CA PHE A 194 3.00 19.09 -17.37
C PHE A 194 1.67 19.23 -18.10
N ALA A 195 0.74 20.04 -17.55
CA ALA A 195 -0.55 20.28 -18.20
C ALA A 195 -0.33 20.94 -19.55
N THR A 196 0.52 21.95 -19.59
CA THR A 196 0.83 22.62 -20.84
C THR A 196 1.47 21.66 -21.83
N GLU A 197 2.36 20.81 -21.38
CA GLU A 197 2.94 19.83 -22.31
C GLU A 197 1.87 18.94 -22.92
N ALA A 198 0.86 18.55 -22.12
CA ALA A 198 -0.18 17.70 -22.65
C ALA A 198 -1.04 18.48 -23.64
N LEU A 199 -1.42 19.70 -23.27
CA LEU A 199 -2.20 20.53 -24.18
C LEU A 199 -1.45 20.69 -25.51
N PHE A 200 -0.18 21.08 -25.43
CA PHE A 200 0.59 21.37 -26.65
C PHE A 200 0.69 20.13 -27.54
N ALA A 201 0.92 18.96 -26.94
CA ALA A 201 1.05 17.73 -27.72
C ALA A 201 -0.19 17.46 -28.54
N GLU A 202 -1.36 17.82 -28.01
CA GLU A 202 -2.62 17.68 -28.73
C GLU A 202 -2.63 18.52 -30.00
N TYR A 203 -1.95 19.67 -29.99
CA TYR A 203 -1.88 20.53 -31.16
C TYR A 203 -0.57 20.37 -31.89
N GLY A 204 0.29 19.46 -31.43
CA GLY A 204 1.52 19.14 -32.14
C GLY A 204 2.67 20.06 -31.81
N LYS A 205 2.56 20.83 -30.74
CA LYS A 205 3.52 21.85 -30.38
C LYS A 205 4.35 21.38 -29.19
N SER A 206 5.45 22.10 -28.97
CA SER A 206 6.40 21.79 -27.91
C SER A 206 6.78 23.07 -27.16
N ILE A 207 6.98 22.93 -25.85
CA ILE A 207 7.50 23.99 -24.98
C ILE A 207 8.65 24.69 -25.70
N SER A 208 9.56 23.91 -26.26
CA SER A 208 10.80 24.46 -26.77
C SER A 208 10.60 25.37 -27.97
N ASP A 209 9.40 25.43 -28.54
CA ASP A 209 9.14 26.26 -29.71
C ASP A 209 8.28 27.47 -29.38
N MET A 210 8.11 27.81 -28.10
CA MET A 210 7.11 28.77 -27.65
C MET A 210 7.73 29.84 -26.76
N THR A 211 7.15 31.03 -26.81
CA THR A 211 7.45 32.11 -25.89
C THR A 211 6.32 32.30 -24.88
N PHE A 212 6.71 32.66 -23.65
CA PHE A 212 5.81 32.70 -22.50
C PHE A 212 5.95 34.04 -21.78
N ALA A 213 4.82 34.63 -21.42
CA ALA A 213 4.76 35.73 -20.47
C ALA A 213 4.03 35.26 -19.19
N ILE A 214 4.61 35.56 -18.03
CA ILE A 214 4.15 35.02 -16.75
C ILE A 214 3.84 36.17 -15.81
N GLN A 215 2.62 36.22 -15.30
CA GLN A 215 2.20 37.23 -14.35
C GLN A 215 2.22 36.62 -12.97
N GLY A 216 3.11 37.11 -12.13
CA GLY A 216 3.28 36.55 -10.81
C GLY A 216 4.54 35.71 -10.80
N PHE A 217 5.34 35.85 -9.75
CA PHE A 217 6.62 35.14 -9.63
C PHE A 217 6.76 34.64 -8.20
N GLY A 218 5.74 33.92 -7.72
CA GLY A 218 5.74 33.36 -6.37
C GLY A 218 5.92 31.84 -6.38
N ASN A 219 5.25 31.11 -5.48
CA ASN A 219 5.39 29.66 -5.49
C ASN A 219 5.07 29.05 -6.85
N VAL A 220 4.03 29.55 -7.53
CA VAL A 220 3.68 28.94 -8.81
C VAL A 220 4.57 29.48 -9.91
N GLY A 221 4.66 30.81 -10.02
CA GLY A 221 5.41 31.39 -11.12
C GLY A 221 6.87 30.94 -11.16
N THR A 222 7.54 30.92 -10.00
CA THR A 222 8.97 30.61 -10.04
C THR A 222 9.19 29.20 -10.56
N TRP A 223 8.42 28.24 -10.03
CA TRP A 223 8.58 26.85 -10.45
C TRP A 223 8.09 26.63 -11.87
N ALA A 224 7.01 27.29 -12.27
CA ALA A 224 6.56 27.14 -13.64
C ALA A 224 7.60 27.68 -14.61
N ALA A 225 8.14 28.87 -14.29
CA ALA A 225 9.19 29.45 -15.13
C ALA A 225 10.43 28.57 -15.18
N LYS A 226 10.82 28.01 -14.04
CA LYS A 226 12.00 27.15 -14.03
C LYS A 226 11.78 25.95 -14.92
N ALA A 227 10.63 25.30 -14.78
CA ALA A 227 10.31 24.13 -15.57
C ALA A 227 10.24 24.45 -17.06
N ILE A 228 9.59 25.57 -17.43
CA ILE A 228 9.56 25.96 -18.84
C ILE A 228 10.96 26.23 -19.36
N PHE A 229 11.77 26.92 -18.56
CA PHE A 229 13.09 27.33 -19.01
C PHE A 229 13.95 26.11 -19.30
N GLU A 230 13.91 25.12 -18.41
CA GLU A 230 14.72 23.93 -18.57
C GLU A 230 14.23 23.04 -19.70
N ARG A 231 13.02 23.27 -20.21
CA ARG A 231 12.50 22.56 -21.37
C ARG A 231 12.67 23.33 -22.67
N GLY A 232 13.48 24.39 -22.66
CA GLY A 232 13.74 25.15 -23.86
C GLY A 232 12.76 26.25 -24.14
N GLY A 233 11.77 26.45 -23.28
CA GLY A 233 10.87 27.57 -23.45
C GLY A 233 11.60 28.89 -23.28
N LYS A 234 11.11 29.89 -23.99
CA LYS A 234 11.61 31.25 -23.89
C LYS A 234 10.61 32.05 -23.07
N VAL A 235 10.96 32.28 -21.80
CA VAL A 235 10.19 33.17 -20.94
C VAL A 235 10.60 34.60 -21.29
N VAL A 236 9.70 35.32 -21.96
CA VAL A 236 10.07 36.63 -22.48
C VAL A 236 9.60 37.79 -21.61
N ALA A 237 8.78 37.53 -20.61
CA ALA A 237 8.27 38.58 -19.75
C ALA A 237 7.82 37.95 -18.44
N VAL A 238 8.09 38.62 -17.34
CA VAL A 238 7.69 38.16 -16.00
C VAL A 238 7.38 39.40 -15.19
N SER A 239 6.31 39.36 -14.43
CA SER A 239 5.95 40.47 -13.56
C SER A 239 5.60 39.92 -12.19
N ASP A 240 5.67 40.81 -11.19
CA ASP A 240 5.06 40.56 -9.90
C ASP A 240 4.46 41.88 -9.42
N ILE A 241 4.03 41.91 -8.16
CA ILE A 241 3.35 43.08 -7.63
C ILE A 241 4.25 44.31 -7.67
N ASN A 242 5.56 44.12 -7.64
CA ASN A 242 6.51 45.22 -7.50
C ASN A 242 7.04 45.75 -8.82
N GLY A 243 7.14 44.91 -9.84
CA GLY A 243 7.68 45.37 -11.11
C GLY A 243 7.61 44.30 -12.17
N ALA A 244 8.43 44.46 -13.20
CA ALA A 244 8.41 43.53 -14.32
C ALA A 244 9.65 43.70 -15.18
N ILE A 245 10.06 42.61 -15.82
CA ILE A 245 11.29 42.54 -16.59
C ILE A 245 10.99 41.76 -17.86
N SER A 246 11.75 42.05 -18.92
CA SER A 246 11.41 41.48 -20.22
C SER A 246 12.65 41.37 -21.07
N ASN A 247 12.58 40.47 -22.06
CA ASN A 247 13.71 40.13 -22.91
C ASN A 247 13.25 39.26 -24.07
N PRO A 248 13.16 39.81 -25.28
CA PRO A 248 12.64 39.02 -26.40
C PRO A 248 13.44 37.78 -26.71
N ASN A 249 14.72 37.71 -26.35
CA ASN A 249 15.46 36.48 -26.54
C ASN A 249 15.26 35.48 -25.39
N GLY A 250 14.38 35.77 -24.44
CA GLY A 250 14.18 34.88 -23.32
C GLY A 250 15.05 35.22 -22.12
N ILE A 251 14.46 35.29 -20.96
CA ILE A 251 15.18 35.61 -19.74
C ILE A 251 15.89 34.37 -19.23
N ASP A 252 17.12 34.52 -18.76
CA ASP A 252 17.82 33.43 -18.07
C ASP A 252 17.14 33.20 -16.73
N ILE A 253 16.26 32.21 -16.67
CA ILE A 253 15.43 32.07 -15.48
C ILE A 253 16.27 31.64 -14.29
N ALA A 254 17.33 30.86 -14.52
CA ALA A 254 18.20 30.49 -13.41
C ALA A 254 18.81 31.73 -12.77
N ALA A 255 19.37 32.62 -13.58
CA ALA A 255 19.94 33.84 -13.04
C ALA A 255 18.88 34.73 -12.39
N LEU A 256 17.68 34.80 -12.97
CA LEU A 256 16.62 35.60 -12.36
C LEU A 256 16.22 35.04 -11.00
N LEU A 257 16.18 33.70 -10.88
CA LEU A 257 15.86 33.06 -9.61
C LEU A 257 16.94 33.29 -8.56
N LYS A 258 18.21 33.23 -8.96
CA LYS A 258 19.29 33.62 -8.04
C LYS A 258 19.18 35.09 -7.65
N HIS A 259 18.67 35.93 -8.55
CA HIS A 259 18.54 37.36 -8.27
C HIS A 259 17.37 37.61 -7.32
N LYS A 260 16.21 37.02 -7.59
CA LYS A 260 15.08 37.08 -6.65
C LYS A 260 15.52 36.64 -5.26
N ALA A 261 16.31 35.58 -5.19
CA ALA A 261 16.67 35.02 -3.90
C ALA A 261 17.57 35.95 -3.09
N GLY A 262 18.40 36.76 -3.75
CA GLY A 262 19.27 37.72 -3.07
C GLY A 262 18.54 38.97 -2.66
N ASN A 263 17.23 38.88 -2.44
CA ASN A 263 16.36 39.99 -2.13
C ASN A 263 16.25 40.97 -3.30
N GLY A 264 16.67 40.55 -4.50
CA GLY A 264 16.64 41.44 -5.64
C GLY A 264 15.26 41.54 -6.26
N SER A 265 14.96 42.72 -6.80
CA SER A 265 13.68 42.99 -7.43
C SER A 265 13.78 42.78 -8.94
N LEU A 266 12.64 42.49 -9.55
CA LEU A 266 12.65 42.06 -10.95
C LEU A 266 13.18 43.15 -11.86
N LYS A 267 12.71 44.37 -11.68
CA LYS A 267 13.04 45.44 -12.63
C LYS A 267 14.53 45.70 -12.71
N ASP A 268 15.25 45.52 -11.61
CA ASP A 268 16.69 45.76 -11.58
C ASP A 268 17.51 44.56 -12.07
N PHE A 269 16.87 43.58 -12.68
CA PHE A 269 17.61 42.42 -13.17
C PHE A 269 18.42 42.81 -14.40
N SER A 270 19.72 42.53 -14.37
CA SER A 270 20.59 43.02 -15.44
C SER A 270 20.41 42.23 -16.73
N GLY A 271 19.84 41.03 -16.65
CA GLY A 271 19.66 40.21 -17.84
C GLY A 271 18.38 40.51 -18.59
N GLY A 272 17.89 41.74 -18.48
CA GLY A 272 16.64 42.05 -19.17
C GLY A 272 16.40 43.54 -19.19
N ASP A 273 15.30 43.90 -19.86
CA ASP A 273 14.86 45.27 -19.94
C ASP A 273 13.63 45.43 -19.04
N ALA A 274 13.68 46.41 -18.15
CA ALA A 274 12.59 46.63 -17.22
C ALA A 274 11.31 46.99 -17.97
N MET A 275 10.17 46.56 -17.44
CA MET A 275 8.90 46.70 -18.14
C MET A 275 7.82 47.15 -17.17
N ASN A 276 6.81 47.81 -17.71
CA ASN A 276 5.67 48.22 -16.91
C ASN A 276 4.80 47.00 -16.60
N PRO A 277 4.59 46.64 -15.33
CA PRO A 277 3.80 45.42 -15.05
C PRO A 277 2.41 45.44 -15.66
N ASN A 278 1.84 46.63 -15.86
CA ASN A 278 0.52 46.73 -16.47
C ASN A 278 0.49 46.29 -17.94
N ASP A 279 1.67 46.11 -18.55
CA ASP A 279 1.78 45.68 -19.94
C ASP A 279 1.88 44.15 -20.07
N LEU A 280 1.88 43.42 -18.97
CA LEU A 280 2.23 42.00 -19.02
C LEU A 280 1.21 41.21 -19.84
N LEU A 281 -0.09 41.39 -19.57
CA LEU A 281 -1.09 40.52 -20.18
C LEU A 281 -1.22 40.74 -21.69
N VAL A 282 -0.90 41.93 -22.18
CA VAL A 282 -0.99 42.23 -23.59
C VAL A 282 0.36 42.08 -24.28
N HIS A 283 1.34 41.48 -23.60
CA HIS A 283 2.67 41.31 -24.15
C HIS A 283 2.67 40.35 -25.33
N ASP A 284 3.58 40.58 -26.28
CA ASP A 284 3.75 39.66 -27.38
C ASP A 284 4.38 38.37 -26.85
N CYS A 285 3.75 37.24 -27.17
CA CYS A 285 4.14 35.94 -26.65
C CYS A 285 3.17 34.93 -27.22
N ASP A 286 3.54 33.65 -27.15
CA ASP A 286 2.62 32.62 -27.60
C ASP A 286 1.74 32.13 -26.48
N VAL A 287 2.26 32.11 -25.25
CA VAL A 287 1.56 31.58 -24.09
C VAL A 287 1.55 32.64 -23.00
N LEU A 288 0.38 32.89 -22.43
CA LEU A 288 0.22 33.74 -21.26
C LEU A 288 -0.15 32.88 -20.06
N ILE A 289 0.56 33.09 -18.95
CA ILE A 289 0.29 32.33 -17.73
C ILE A 289 0.00 33.25 -16.55
N PRO A 290 -1.26 33.58 -16.30
CA PRO A 290 -1.60 34.28 -15.06
C PRO A 290 -1.36 33.38 -13.86
N CYS A 291 -0.40 33.78 -13.00
CA CYS A 291 -0.01 33.08 -11.79
C CYS A 291 -0.10 33.96 -10.57
N ALA A 292 -0.85 35.05 -10.67
CA ALA A 292 -0.91 35.97 -9.54
C ALA A 292 -2.32 36.11 -9.01
N LEU A 293 -3.10 36.96 -9.64
CA LEU A 293 -4.40 37.34 -9.12
C LEU A 293 -5.49 36.82 -10.04
N GLY A 294 -6.70 36.74 -9.50
CA GLY A 294 -7.86 36.47 -10.32
C GLY A 294 -8.48 37.76 -10.81
N GLY A 295 -9.37 37.65 -11.79
CA GLY A 295 -10.07 38.82 -12.29
C GLY A 295 -9.20 39.75 -13.11
N VAL A 296 -8.15 39.25 -13.77
CA VAL A 296 -7.26 40.13 -14.51
C VAL A 296 -7.59 40.23 -16.00
N LEU A 297 -8.31 39.26 -16.56
CA LEU A 297 -8.76 39.35 -17.95
C LEU A 297 -10.25 39.56 -17.96
N ASN A 298 -10.68 40.68 -18.54
CA ASN A 298 -12.07 41.09 -18.52
C ASN A 298 -12.41 41.69 -19.88
N LYS A 299 -13.61 42.27 -19.94
CA LYS A 299 -14.12 42.83 -21.18
C LYS A 299 -13.20 43.93 -21.72
N GLU A 300 -12.53 44.67 -20.85
CA GLU A 300 -11.83 45.86 -21.28
C GLU A 300 -10.49 45.59 -21.93
N ASN A 301 -9.87 44.43 -21.66
CA ASN A 301 -8.53 44.14 -22.17
C ASN A 301 -8.39 42.83 -22.94
N ALA A 302 -9.44 42.01 -23.05
CA ALA A 302 -9.27 40.69 -23.65
C ALA A 302 -8.94 40.78 -25.13
N ASN A 303 -9.49 41.75 -25.85
CA ASN A 303 -9.19 41.93 -27.27
C ASN A 303 -7.74 42.29 -27.52
N ASP A 304 -6.98 42.59 -26.47
CA ASP A 304 -5.61 43.05 -26.61
C ASP A 304 -4.61 41.94 -26.29
N VAL A 305 -5.07 40.76 -25.87
CA VAL A 305 -4.18 39.64 -25.65
C VAL A 305 -3.60 39.17 -26.97
N LYS A 306 -2.28 38.96 -26.98
CA LYS A 306 -1.55 38.48 -28.14
C LYS A 306 -1.38 36.97 -28.13
N ALA A 307 -1.40 36.39 -26.95
CA ALA A 307 -1.14 34.97 -26.81
C ALA A 307 -2.21 34.18 -27.54
N LYS A 308 -1.82 33.01 -28.04
CA LYS A 308 -2.79 32.06 -28.55
C LYS A 308 -3.12 30.97 -27.52
N PHE A 309 -2.37 30.91 -26.43
CA PHE A 309 -2.67 29.98 -25.35
C PHE A 309 -2.65 30.72 -24.03
N ILE A 310 -3.65 30.46 -23.18
CA ILE A 310 -3.68 31.00 -21.83
C ILE A 310 -3.75 29.84 -20.88
N ILE A 311 -2.75 29.72 -20.01
CA ILE A 311 -2.70 28.65 -19.02
C ILE A 311 -3.04 29.27 -17.69
N GLU A 312 -4.21 28.94 -17.16
CA GLU A 312 -4.73 29.60 -15.96
C GLU A 312 -4.16 28.92 -14.74
N ALA A 313 -3.14 29.50 -14.13
CA ALA A 313 -2.68 28.94 -12.86
C ALA A 313 -3.35 29.62 -11.68
N ALA A 314 -3.49 30.93 -11.73
CA ALA A 314 -4.27 31.63 -10.72
C ALA A 314 -5.74 31.18 -10.82
N ASN A 315 -6.46 31.32 -9.72
CA ASN A 315 -7.85 30.93 -9.71
C ASN A 315 -8.69 32.02 -10.37
N HIS A 316 -9.58 31.60 -11.28
CA HIS A 316 -10.45 32.45 -12.07
C HIS A 316 -9.80 33.76 -12.51
N PRO A 317 -8.75 33.69 -13.33
CA PRO A 317 -8.18 34.91 -13.91
C PRO A 317 -9.04 35.53 -15.01
N THR A 318 -9.84 34.71 -15.69
CA THR A 318 -10.64 35.11 -16.84
C THR A 318 -12.11 35.06 -16.47
N ASP A 319 -12.83 36.13 -16.75
CA ASP A 319 -14.28 36.17 -16.54
C ASP A 319 -15.02 35.75 -17.80
N PRO A 320 -16.33 35.55 -17.70
CA PRO A 320 -17.09 35.08 -18.88
C PRO A 320 -16.95 35.95 -20.11
N ASP A 321 -16.96 37.28 -19.97
CA ASP A 321 -16.86 38.15 -21.14
C ASP A 321 -15.53 37.95 -21.86
N ALA A 322 -14.45 37.72 -21.12
CA ALA A 322 -13.17 37.51 -21.78
C ALA A 322 -13.11 36.16 -22.46
N ASP A 323 -13.63 35.11 -21.81
CA ASP A 323 -13.74 33.80 -22.44
C ASP A 323 -14.34 33.94 -23.84
N GLU A 324 -15.44 34.68 -23.94
CA GLU A 324 -16.09 34.75 -25.25
C GLU A 324 -15.27 35.57 -26.22
N ILE A 325 -14.71 36.68 -25.74
CA ILE A 325 -13.85 37.49 -26.60
C ILE A 325 -12.69 36.65 -27.10
N LEU A 326 -12.08 35.87 -26.20
CA LEU A 326 -10.88 35.14 -26.57
C LEU A 326 -11.20 33.95 -27.46
N SER A 327 -12.39 33.33 -27.28
CA SER A 327 -12.76 32.26 -28.19
C SER A 327 -12.91 32.78 -29.61
N LYS A 328 -13.59 33.93 -29.76
CA LYS A 328 -13.70 34.57 -31.07
C LYS A 328 -12.33 34.75 -31.69
N LYS A 329 -11.30 35.00 -30.89
CA LYS A 329 -9.94 35.21 -31.38
C LYS A 329 -9.18 33.91 -31.58
N GLY A 330 -9.80 32.76 -31.30
CA GLY A 330 -9.12 31.50 -31.49
C GLY A 330 -8.10 31.18 -30.43
N VAL A 331 -8.18 31.82 -29.27
CA VAL A 331 -7.28 31.58 -28.15
C VAL A 331 -7.85 30.41 -27.37
N ILE A 332 -6.97 29.47 -27.01
CA ILE A 332 -7.31 28.29 -26.23
C ILE A 332 -6.91 28.54 -24.78
N ILE A 333 -7.81 28.24 -23.84
CA ILE A 333 -7.68 28.59 -22.43
C ILE A 333 -7.71 27.31 -21.61
N LEU A 334 -6.57 26.94 -21.02
CA LEU A 334 -6.52 25.78 -20.15
C LEU A 334 -7.03 26.19 -18.78
N PRO A 335 -8.14 25.64 -18.33
CA PRO A 335 -8.84 26.22 -17.18
C PRO A 335 -8.18 25.91 -15.85
N ASP A 336 -8.33 26.86 -14.93
CA ASP A 336 -7.66 26.79 -13.62
C ASP A 336 -7.97 25.51 -12.86
N VAL A 337 -9.24 25.11 -12.83
CA VAL A 337 -9.63 23.95 -12.03
C VAL A 337 -8.72 22.78 -12.33
N TYR A 338 -8.27 22.67 -13.57
CA TYR A 338 -7.34 21.64 -13.97
C TYR A 338 -5.88 22.07 -13.93
N ALA A 339 -5.54 23.23 -14.49
CA ALA A 339 -4.13 23.54 -14.72
C ALA A 339 -3.34 23.65 -13.43
N ASN A 340 -3.93 24.18 -12.37
CA ASN A 340 -3.20 24.37 -11.13
C ASN A 340 -3.42 23.22 -10.15
N ALA A 341 -3.89 22.08 -10.62
CA ALA A 341 -4.21 21.01 -9.71
C ALA A 341 -3.02 20.19 -9.31
N GLY A 342 -1.79 20.55 -9.71
CA GLY A 342 -0.64 19.76 -9.33
C GLY A 342 -0.51 19.66 -7.83
N GLY A 343 -0.83 20.74 -7.12
CA GLY A 343 -0.66 20.72 -5.68
C GLY A 343 -1.58 19.71 -5.02
N VAL A 344 -2.86 19.73 -5.41
CA VAL A 344 -3.78 18.78 -4.79
C VAL A 344 -3.47 17.36 -5.24
N THR A 345 -3.00 17.19 -6.45
CA THR A 345 -2.60 15.84 -6.90
C THR A 345 -1.45 15.31 -6.07
N VAL A 346 -0.44 16.13 -5.78
CA VAL A 346 0.68 15.65 -4.98
C VAL A 346 0.24 15.44 -3.53
N SER A 347 -0.74 16.19 -3.04
CA SER A 347 -1.23 15.91 -1.70
C SER A 347 -1.87 14.52 -1.62
N TYR A 348 -2.50 14.04 -2.71
CA TYR A 348 -2.95 12.66 -2.77
C TYR A 348 -1.78 11.70 -2.62
N PHE A 349 -0.69 11.99 -3.34
CA PHE A 349 0.48 11.10 -3.31
C PHE A 349 1.07 11.08 -1.90
N GLU A 350 0.98 12.21 -1.20
CA GLU A 350 1.43 12.25 0.17
C GLU A 350 0.60 11.31 1.02
N TRP A 351 -0.71 11.40 0.90
CA TRP A 351 -1.60 10.46 1.60
C TRP A 351 -1.25 9.02 1.27
N VAL A 352 -1.03 8.71 0.00
CA VAL A 352 -0.72 7.33 -0.40
C VAL A 352 0.55 6.86 0.28
N GLN A 353 1.59 7.67 0.20
CA GLN A 353 2.88 7.34 0.80
C GLN A 353 2.72 7.09 2.28
N ASN A 354 1.95 7.93 2.95
CA ASN A 354 1.69 7.73 4.37
C ASN A 354 0.97 6.42 4.63
N ILE A 355 -0.11 6.18 3.87
CA ILE A 355 -0.90 4.96 4.03
C ILE A 355 -0.04 3.74 3.84
N GLN A 356 0.90 3.79 2.91
CA GLN A 356 1.76 2.63 2.63
C GLN A 356 2.98 2.57 3.54
N GLY A 357 3.18 3.58 4.40
CA GLY A 357 4.33 3.65 5.30
C GLY A 357 5.69 3.71 4.63
N PHE A 358 5.76 4.24 3.41
CA PHE A 358 6.97 4.06 2.59
C PHE A 358 7.03 5.22 1.60
N MET A 359 7.98 6.13 1.81
CA MET A 359 8.03 7.36 1.03
C MET A 359 8.56 7.09 -0.38
N TRP A 360 8.11 7.91 -1.32
CA TRP A 360 8.63 7.92 -2.69
C TRP A 360 9.81 8.88 -2.80
N ASP A 361 10.77 8.58 -3.68
CA ASP A 361 11.75 9.60 -3.96
C ASP A 361 11.14 10.63 -4.92
N GLU A 362 11.86 11.72 -5.14
CA GLU A 362 11.27 12.85 -5.86
C GLU A 362 10.97 12.49 -7.30
N GLU A 363 11.84 11.68 -7.92
CA GLU A 363 11.62 11.20 -9.27
C GLU A 363 10.27 10.49 -9.39
N LYS A 364 9.93 9.65 -8.42
CA LYS A 364 8.64 8.95 -8.50
C LYS A 364 7.47 9.91 -8.30
N VAL A 365 7.57 10.84 -7.36
CA VAL A 365 6.49 11.81 -7.19
C VAL A 365 6.21 12.55 -8.51
N ASN A 366 7.26 13.00 -9.18
CA ASN A 366 7.05 13.78 -10.41
C ASN A 366 6.61 12.90 -11.58
N GLN A 367 7.04 11.65 -11.59
CA GLN A 367 6.51 10.71 -12.56
C GLN A 367 5.02 10.54 -12.36
N GLU A 368 4.59 10.30 -11.13
CA GLU A 368 3.17 10.11 -10.93
C GLU A 368 2.41 11.40 -11.19
N LEU A 369 3.01 12.55 -10.87
CA LEU A 369 2.35 13.82 -11.18
C LEU A 369 2.14 13.96 -12.68
N LYS A 370 3.20 13.79 -13.47
CA LYS A 370 3.09 13.84 -14.93
C LYS A 370 2.02 12.87 -15.46
N ARG A 371 2.03 11.64 -14.94
CA ARG A 371 1.04 10.64 -15.38
C ARG A 371 -0.37 11.11 -15.10
N TYR A 372 -0.62 11.57 -13.87
CA TYR A 372 -1.96 12.03 -13.55
C TYR A 372 -2.35 13.29 -14.33
N MET A 373 -1.45 14.25 -14.49
CA MET A 373 -1.82 15.46 -15.21
C MET A 373 -2.07 15.16 -16.69
N THR A 374 -1.29 14.24 -17.26
CA THR A 374 -1.44 13.90 -18.67
C THR A 374 -2.74 13.13 -18.90
N LYS A 375 -3.02 12.12 -18.05
CA LYS A 375 -4.25 11.39 -18.25
C LYS A 375 -5.47 12.30 -18.04
N ALA A 376 -5.40 13.24 -17.09
CA ALA A 376 -6.55 14.13 -16.88
C ALA A 376 -6.77 15.05 -18.08
N PHE A 377 -5.70 15.56 -18.72
CA PHE A 377 -5.94 16.36 -19.91
C PHE A 377 -6.61 15.52 -20.99
N ASN A 378 -6.13 14.29 -21.19
CA ASN A 378 -6.72 13.45 -22.21
C ASN A 378 -8.18 13.14 -21.90
N ASP A 379 -8.51 12.98 -20.61
CA ASP A 379 -9.90 12.79 -20.23
C ASP A 379 -10.73 14.05 -20.48
N ILE A 380 -10.20 15.23 -20.13
CA ILE A 380 -10.92 16.46 -20.39
C ILE A 380 -11.19 16.59 -21.88
N LYS A 381 -10.16 16.38 -22.68
CA LYS A 381 -10.31 16.63 -24.12
C LYS A 381 -11.31 15.67 -24.72
N ALA A 382 -11.25 14.39 -24.34
CA ALA A 382 -12.24 13.44 -24.86
C ALA A 382 -13.65 13.84 -24.44
N ASN A 383 -13.78 14.41 -23.25
CA ASN A 383 -15.09 14.87 -22.81
C ASN A 383 -15.55 16.08 -23.62
N CYS A 384 -14.62 16.99 -23.97
CA CYS A 384 -14.96 18.09 -24.87
C CYS A 384 -15.55 17.59 -26.18
N LYS A 385 -14.92 16.59 -26.78
CA LYS A 385 -15.43 16.06 -28.03
C LYS A 385 -16.79 15.42 -27.85
N THR A 386 -17.01 14.77 -26.72
CA THR A 386 -18.31 14.17 -26.49
C THR A 386 -19.41 15.22 -26.50
N HIS A 387 -19.21 16.31 -25.75
CA HIS A 387 -20.27 17.29 -25.54
C HIS A 387 -20.11 18.53 -26.40
N ASN A 388 -19.20 18.50 -27.36
CA ASN A 388 -18.78 19.68 -28.11
C ASN A 388 -18.75 20.95 -27.25
N CYS A 389 -17.84 21.02 -26.29
CA CYS A 389 -17.70 22.21 -25.47
C CYS A 389 -16.22 22.52 -25.29
N ASP A 390 -15.94 23.75 -24.84
CA ASP A 390 -14.59 24.22 -24.60
C ASP A 390 -13.97 23.48 -23.41
N LEU A 391 -12.67 23.70 -23.21
CA LEU A 391 -11.97 23.01 -22.12
C LEU A 391 -12.56 23.35 -20.76
N ARG A 392 -12.96 24.60 -20.56
CA ARG A 392 -13.46 24.96 -19.23
C ARG A 392 -14.63 24.08 -18.87
N MET A 393 -15.60 23.98 -19.78
CA MET A 393 -16.81 23.24 -19.48
C MET A 393 -16.55 21.75 -19.57
N GLY A 394 -15.65 21.35 -20.46
CA GLY A 394 -15.27 19.97 -20.54
C GLY A 394 -14.71 19.48 -19.22
N ALA A 395 -13.93 20.33 -18.55
CA ALA A 395 -13.36 19.92 -17.27
C ALA A 395 -14.43 19.88 -16.19
N PHE A 396 -15.27 20.91 -16.15
CA PHE A 396 -16.34 20.93 -15.14
C PHE A 396 -17.25 19.71 -15.29
N THR A 397 -17.71 19.44 -16.51
CA THR A 397 -18.62 18.34 -16.72
C THR A 397 -17.96 17.01 -16.40
N LEU A 398 -16.65 16.89 -16.63
CA LEU A 398 -16.00 15.61 -16.33
C LEU A 398 -15.99 15.34 -14.84
N GLY A 399 -15.64 16.36 -14.06
CA GLY A 399 -15.64 16.19 -12.62
C GLY A 399 -17.04 15.93 -12.11
N LEU A 400 -17.99 16.73 -12.55
CA LEU A 400 -19.37 16.61 -12.08
C LEU A 400 -19.93 15.24 -12.42
N ASN A 401 -19.69 14.76 -13.64
CA ASN A 401 -20.29 13.50 -14.04
C ASN A 401 -19.68 12.35 -13.26
N ARG A 402 -18.37 12.43 -12.98
CA ARG A 402 -17.75 11.40 -12.17
C ARG A 402 -18.40 11.35 -10.78
N VAL A 403 -18.68 12.52 -10.18
CA VAL A 403 -19.34 12.50 -8.87
C VAL A 403 -20.75 11.94 -9.01
N ALA A 404 -21.46 12.32 -10.07
CA ALA A 404 -22.81 11.82 -10.22
C ALA A 404 -22.79 10.32 -10.40
N ARG A 405 -21.88 9.82 -11.24
CA ARG A 405 -21.83 8.39 -11.49
C ARG A 405 -21.56 7.63 -10.20
N ALA A 406 -20.62 8.12 -9.39
CA ALA A 406 -20.35 7.41 -8.13
C ALA A 406 -21.56 7.45 -7.23
N THR A 407 -22.20 8.63 -7.12
CA THR A 407 -23.40 8.79 -6.29
C THR A 407 -24.50 7.83 -6.74
N LEU A 408 -24.72 7.70 -8.07
CA LEU A 408 -25.80 6.84 -8.54
C LEU A 408 -25.49 5.37 -8.30
N LEU A 409 -24.21 4.98 -8.44
CA LEU A 409 -23.84 3.59 -8.18
C LEU A 409 -24.06 3.23 -6.74
N ARG A 410 -23.82 4.18 -5.84
CA ARG A 410 -23.93 3.89 -4.43
C ARG A 410 -25.38 3.67 -4.03
N GLY A 411 -26.29 4.41 -4.62
CA GLY A 411 -27.69 4.20 -4.37
C GLY A 411 -28.19 5.01 -3.20
N TRP A 412 -29.47 4.79 -2.92
CA TRP A 412 -30.28 5.68 -2.09
C TRP A 412 -31.07 4.98 -1.01
N GLU A 413 -31.16 3.66 -1.03
CA GLU A 413 -31.97 2.98 -0.03
C GLU A 413 -31.20 2.99 1.29
N ALA A 414 -31.93 2.90 2.40
CA ALA A 414 -31.30 3.16 3.69
C ALA A 414 -30.47 1.95 4.16
N MET B 4 26.68 -3.98 30.53
CA MET B 4 26.32 -2.53 30.42
C MET B 4 26.77 -1.95 29.07
N ASN B 5 27.10 -2.84 28.14
CA ASN B 5 27.68 -2.42 26.86
C ASN B 5 26.86 -1.30 26.20
N ALA B 6 25.56 -1.49 26.07
CA ALA B 6 24.78 -0.54 25.28
C ALA B 6 24.46 0.74 26.06
N LEU B 7 24.41 0.65 27.39
CA LEU B 7 24.18 1.84 28.20
C LEU B 7 25.31 2.85 28.02
N VAL B 8 26.55 2.40 28.18
CA VAL B 8 27.67 3.34 28.17
C VAL B 8 27.82 3.98 26.78
N ALA B 9 27.77 3.18 25.72
CA ALA B 9 27.94 3.70 24.36
C ALA B 9 26.90 4.76 24.02
N THR B 10 25.63 4.45 24.27
CA THR B 10 24.53 5.32 23.85
C THR B 10 24.51 6.62 24.61
N ASN B 11 24.72 6.55 25.91
CA ASN B 11 24.68 7.78 26.70
C ASN B 11 25.82 8.70 26.29
N ARG B 12 27.04 8.16 26.18
CA ARG B 12 28.16 8.97 25.74
C ARG B 12 27.87 9.61 24.39
N ASN B 13 27.51 8.78 23.40
CA ASN B 13 27.32 9.28 22.05
C ASN B 13 26.19 10.28 21.99
N PHE B 14 25.08 10.01 22.69
CA PHE B 14 23.98 10.97 22.78
C PHE B 14 24.47 12.32 23.30
N GLN B 15 25.21 12.29 24.41
CA GLN B 15 25.66 13.54 25.01
C GLN B 15 26.58 14.31 24.07
N ARG B 16 27.50 13.60 23.42
CA ARG B 16 28.39 14.28 22.49
C ARG B 16 27.62 14.85 21.31
N ALA B 17 26.66 14.10 20.79
CA ALA B 17 25.91 14.59 19.64
C ALA B 17 25.04 15.77 20.05
N SER B 18 24.45 15.71 21.23
CA SER B 18 23.64 16.82 21.71
C SER B 18 24.44 18.11 21.75
N ARG B 19 25.71 18.02 22.11
CA ARG B 19 26.52 19.24 22.28
C ARG B 19 27.01 19.76 20.92
N ILE B 20 27.34 18.85 20.01
CA ILE B 20 27.67 19.27 18.65
C ILE B 20 26.48 20.01 18.05
N LEU B 21 25.26 19.52 18.27
CA LEU B 21 24.10 20.21 17.73
C LEU B 21 23.74 21.47 18.49
N GLY B 22 24.16 21.57 19.75
CA GLY B 22 23.73 22.69 20.58
C GLY B 22 22.28 22.56 21.02
N LEU B 23 21.79 21.35 21.29
CA LEU B 23 20.41 21.21 21.67
C LEU B 23 20.15 21.91 23.00
N ASP B 24 18.96 22.45 23.11
CA ASP B 24 18.52 23.09 24.34
C ASP B 24 18.39 22.05 25.44
N SER B 25 18.75 22.44 26.67
CA SER B 25 18.81 21.46 27.76
C SER B 25 17.45 20.89 28.10
N LYS B 26 16.39 21.66 27.94
CA LYS B 26 15.07 21.13 28.28
C LYS B 26 14.58 20.17 27.23
N LEU B 27 14.92 20.43 25.97
CA LEU B 27 14.63 19.44 24.94
C LEU B 27 15.38 18.14 25.23
N GLU B 28 16.67 18.25 25.52
CA GLU B 28 17.49 17.11 25.88
C GLU B 28 16.85 16.30 26.99
N LYS B 29 16.43 16.98 28.07
CA LYS B 29 15.79 16.25 29.16
C LYS B 29 14.60 15.46 28.64
N SER B 30 13.74 16.09 27.86
CA SER B 30 12.57 15.38 27.35
C SER B 30 13.01 14.19 26.52
N LEU B 31 13.99 14.38 25.65
CA LEU B 31 14.35 13.29 24.75
C LEU B 31 14.88 12.10 25.51
N LEU B 32 15.49 12.31 26.67
CA LEU B 32 16.00 11.18 27.43
C LEU B 32 14.93 10.47 28.23
N ILE B 33 13.83 11.12 28.57
CA ILE B 33 12.77 10.43 29.30
C ILE B 33 11.97 9.56 28.32
N PRO B 34 11.81 8.27 28.57
CA PRO B 34 10.99 7.50 27.63
C PRO B 34 9.52 7.90 27.71
N TYR B 35 8.90 7.89 26.53
CA TYR B 35 7.45 8.05 26.41
C TYR B 35 6.71 7.22 27.44
N ARG B 36 6.98 5.93 27.48
CA ARG B 36 6.24 5.06 28.39
C ARG B 36 7.09 3.85 28.74
N GLU B 37 7.07 3.48 30.02
CA GLU B 37 7.65 2.22 30.48
C GLU B 37 6.55 1.35 31.07
N ILE B 38 6.51 0.07 30.68
CA ILE B 38 5.47 -0.83 31.11
C ILE B 38 6.08 -2.11 31.67
N LYS B 39 5.57 -2.54 32.82
CA LYS B 39 5.87 -3.88 33.33
C LYS B 39 4.54 -4.56 33.60
N VAL B 40 4.42 -5.83 33.21
CA VAL B 40 3.19 -6.59 33.37
C VAL B 40 3.48 -7.97 33.95
N GLU B 41 2.57 -8.44 34.80
CA GLU B 41 2.66 -9.80 35.33
C GLU B 41 2.23 -10.80 34.27
N CYS B 42 3.05 -11.83 34.06
CA CYS B 42 2.75 -12.91 33.11
C CYS B 42 2.80 -14.21 33.90
N THR B 43 1.63 -14.76 34.17
CA THR B 43 1.52 -15.98 34.97
C THR B 43 0.87 -17.04 34.09
N ILE B 44 1.47 -18.22 34.07
CA ILE B 44 0.93 -19.33 33.30
C ILE B 44 0.95 -20.61 34.13
N PRO B 45 0.12 -21.58 33.75
CA PRO B 45 0.32 -22.93 34.27
C PRO B 45 1.39 -23.65 33.47
N LYS B 46 2.25 -24.36 34.18
CA LYS B 46 3.22 -25.22 33.50
C LYS B 46 2.51 -26.46 32.98
N ASP B 47 3.22 -27.27 32.19
CA ASP B 47 2.67 -28.50 31.65
C ASP B 47 2.11 -29.39 32.77
N ASP B 48 2.73 -29.39 33.93
CA ASP B 48 2.18 -30.13 35.07
C ASP B 48 1.05 -29.39 35.79
N GLY B 49 0.66 -28.19 35.38
CA GLY B 49 -0.43 -27.48 36.03
C GLY B 49 -0.04 -26.58 37.20
N SER B 50 1.19 -26.64 37.66
CA SER B 50 1.67 -25.66 38.63
C SER B 50 1.99 -24.31 37.96
N LEU B 51 1.84 -23.24 38.73
CA LEU B 51 1.99 -21.87 38.25
C LEU B 51 3.43 -21.42 38.23
N VAL B 52 3.73 -20.50 37.30
CA VAL B 52 4.94 -19.69 37.36
C VAL B 52 4.57 -18.28 36.92
N SER B 53 5.23 -17.31 37.53
CA SER B 53 4.93 -15.91 37.33
C SER B 53 6.22 -15.24 36.89
N TYR B 54 6.16 -14.57 35.74
CA TYR B 54 7.27 -13.77 35.28
C TYR B 54 6.80 -12.33 35.11
N VAL B 55 7.75 -11.42 35.03
CA VAL B 55 7.46 -10.03 34.72
C VAL B 55 7.87 -9.78 33.28
N GLY B 56 6.93 -9.36 32.49
CA GLY B 56 7.19 -8.93 31.14
C GLY B 56 7.29 -7.42 31.15
N PHE B 57 7.91 -6.87 30.11
CA PHE B 57 8.16 -5.44 30.09
C PHE B 57 8.26 -4.95 28.64
N ARG B 58 7.95 -3.67 28.46
CA ARG B 58 8.15 -2.97 27.19
C ARG B 58 8.50 -1.52 27.53
N ILE B 59 9.71 -1.12 27.17
CA ILE B 59 10.09 0.28 27.21
C ILE B 59 9.85 0.89 25.84
N GLN B 60 9.02 1.93 25.80
CA GLN B 60 8.67 2.67 24.60
C GLN B 60 9.36 4.04 24.67
N HIS B 61 10.46 4.16 23.99
CA HIS B 61 11.29 5.32 24.29
C HIS B 61 10.75 6.57 23.60
N ASP B 62 10.52 6.50 22.28
CA ASP B 62 10.15 7.72 21.57
C ASP B 62 9.37 7.33 20.33
N ASN B 63 8.40 8.17 19.97
CA ASN B 63 7.57 7.90 18.80
C ASN B 63 7.34 9.17 17.99
N ALA B 64 8.26 10.13 18.07
CA ALA B 64 8.11 11.38 17.34
C ALA B 64 8.14 11.17 15.84
N ARG B 65 8.90 10.19 15.36
CA ARG B 65 9.09 9.98 13.92
C ARG B 65 8.22 8.84 13.39
N GLY B 66 7.48 8.15 14.27
CA GLY B 66 6.62 7.06 13.87
C GLY B 66 6.40 6.04 14.98
N PRO B 67 5.77 4.93 14.60
CA PRO B 67 5.58 3.81 15.53
C PRO B 67 6.87 3.31 16.14
N MET B 68 6.76 2.74 17.32
CA MET B 68 7.99 2.26 17.93
C MET B 68 8.32 0.87 17.44
N LYS B 69 9.59 0.52 17.56
CA LYS B 69 10.11 -0.68 16.91
C LYS B 69 11.15 -1.28 17.83
N GLY B 70 11.09 -2.58 18.09
CA GLY B 70 12.21 -3.19 18.80
C GLY B 70 11.91 -4.57 19.34
N GLY B 71 12.97 -5.23 19.74
CA GLY B 71 12.92 -6.64 20.05
C GLY B 71 12.31 -6.97 21.39
N ILE B 72 12.00 -8.27 21.51
CA ILE B 72 11.52 -8.93 22.71
C ILE B 72 12.56 -9.94 23.14
N ARG B 73 13.16 -9.75 24.32
CA ARG B 73 14.18 -10.66 24.84
C ARG B 73 13.57 -11.54 25.93
N TYR B 74 13.68 -12.84 25.76
CA TYR B 74 13.33 -13.80 26.80
C TYR B 74 14.65 -14.14 27.45
N HIS B 75 14.88 -13.61 28.61
CA HIS B 75 16.21 -13.71 29.20
C HIS B 75 16.09 -13.31 30.67
N PRO B 76 16.75 -14.01 31.59
CA PRO B 76 16.47 -13.81 33.02
C PRO B 76 17.08 -12.56 33.63
N GLU B 77 18.05 -11.96 32.97
CA GLU B 77 18.77 -10.83 33.56
C GLU B 77 18.18 -9.58 32.93
N VAL B 78 17.51 -8.79 33.76
CA VAL B 78 16.82 -7.59 33.33
C VAL B 78 17.30 -6.46 34.23
N ASP B 79 18.10 -5.56 33.68
CA ASP B 79 18.45 -4.32 34.36
C ASP B 79 17.68 -3.21 33.68
N PRO B 80 16.78 -2.49 34.35
CA PRO B 80 15.99 -1.49 33.64
C PRO B 80 16.85 -0.46 32.93
N ASP B 81 18.03 -0.16 33.46
CA ASP B 81 18.92 0.82 32.87
C ASP B 81 19.32 0.42 31.46
N GLU B 82 19.79 -0.82 31.29
CA GLU B 82 20.23 -1.28 29.98
C GLU B 82 19.07 -1.31 29.00
N VAL B 83 17.90 -1.83 29.44
CA VAL B 83 16.74 -1.90 28.53
C VAL B 83 16.36 -0.49 28.08
N ASN B 84 16.41 0.46 28.99
CA ASN B 84 16.08 1.82 28.56
C ASN B 84 17.07 2.31 27.53
N ALA B 85 18.36 2.02 27.75
CA ALA B 85 19.39 2.46 26.81
C ALA B 85 19.18 1.82 25.46
N LEU B 86 18.82 0.53 25.45
CA LEU B 86 18.59 -0.16 24.17
C LEU B 86 17.44 0.46 23.43
N ALA B 87 16.35 0.75 24.14
CA ALA B 87 15.20 1.33 23.46
C ALA B 87 15.56 2.71 22.91
N GLN B 88 16.36 3.48 23.66
CA GLN B 88 16.80 4.80 23.20
C GLN B 88 17.72 4.69 21.99
N LEU B 89 18.60 3.71 22.01
CA LEU B 89 19.51 3.52 20.88
C LEU B 89 18.75 3.20 19.60
N MET B 90 17.63 2.45 19.71
CA MET B 90 16.84 2.16 18.51
C MET B 90 16.21 3.44 17.96
N THR B 91 15.80 4.34 18.85
CA THR B 91 15.31 5.64 18.39
C THR B 91 16.34 6.36 17.53
N TRP B 92 17.61 6.38 17.96
CA TRP B 92 18.63 7.08 17.17
C TRP B 92 18.91 6.30 15.89
N LYS B 93 18.90 4.98 15.99
CA LYS B 93 19.32 4.13 14.90
C LYS B 93 18.32 4.20 13.75
N THR B 94 17.03 4.03 14.08
CA THR B 94 16.02 4.20 13.04
C THR B 94 16.16 5.56 12.36
N ALA B 95 16.55 6.59 13.11
CA ALA B 95 16.64 7.93 12.54
C ALA B 95 17.84 8.03 11.60
N VAL B 96 18.93 7.37 11.96
CA VAL B 96 20.12 7.41 11.11
C VAL B 96 19.80 6.92 9.71
N VAL B 97 18.99 5.87 9.59
CA VAL B 97 18.75 5.26 8.28
C VAL B 97 17.45 5.75 7.65
N ASP B 98 16.79 6.73 8.29
CA ASP B 98 15.63 7.41 7.73
C ASP B 98 14.47 6.43 7.59
N ILE B 99 14.32 5.59 8.61
CA ILE B 99 13.16 4.73 8.76
C ILE B 99 12.14 5.42 9.65
N PRO B 100 10.85 5.43 9.29
CA PRO B 100 9.83 6.17 10.07
C PRO B 100 9.35 5.41 11.29
N TYR B 101 10.26 5.18 12.22
CA TYR B 101 9.99 4.56 13.50
C TYR B 101 10.71 5.31 14.61
N GLY B 102 10.24 5.09 15.83
CA GLY B 102 11.03 5.36 17.02
C GLY B 102 11.46 4.05 17.65
N GLY B 103 11.96 4.15 18.88
CA GLY B 103 12.64 3.05 19.52
C GLY B 103 11.87 2.42 20.67
N ALA B 104 11.98 1.10 20.77
CA ALA B 104 11.40 0.39 21.90
C ALA B 104 12.20 -0.88 22.15
N LYS B 105 11.98 -1.44 23.33
CA LYS B 105 12.61 -2.72 23.67
C LYS B 105 11.80 -3.36 24.77
N GLY B 106 11.55 -4.66 24.65
CA GLY B 106 10.75 -5.38 25.62
C GLY B 106 11.31 -6.78 25.88
N GLY B 107 10.57 -7.53 26.69
CA GLY B 107 11.03 -8.88 26.97
C GLY B 107 10.28 -9.47 28.15
N ILE B 108 10.72 -10.65 28.56
CA ILE B 108 10.18 -11.29 29.75
C ILE B 108 11.37 -11.79 30.52
N GLY B 109 11.39 -11.51 31.83
CA GLY B 109 12.45 -12.00 32.68
C GLY B 109 12.26 -13.48 33.00
N CYS B 110 12.77 -14.32 32.11
CA CYS B 110 12.65 -15.76 32.24
C CYS B 110 13.86 -16.41 31.60
N ASN B 111 14.02 -17.69 31.85
CA ASN B 111 15.01 -18.50 31.17
C ASN B 111 14.28 -19.46 30.25
N PRO B 112 14.31 -19.26 28.93
CA PRO B 112 13.51 -20.12 28.06
C PRO B 112 13.93 -21.56 28.10
N LYS B 113 15.15 -21.85 28.54
CA LYS B 113 15.56 -23.24 28.60
C LYS B 113 14.86 -24.00 29.71
N ASP B 114 14.34 -23.30 30.73
CA ASP B 114 13.55 -24.00 31.74
C ASP B 114 12.14 -24.31 31.26
N LEU B 115 11.74 -23.87 30.07
CA LEU B 115 10.37 -23.97 29.61
C LEU B 115 10.26 -24.90 28.42
N SER B 116 9.27 -25.79 28.46
CA SER B 116 8.90 -26.55 27.28
C SER B 116 8.33 -25.64 26.20
N ILE B 117 8.17 -26.22 25.01
CA ILE B 117 7.71 -25.45 23.87
C ILE B 117 6.25 -25.04 24.06
N SER B 118 5.45 -25.86 24.74
CA SER B 118 4.07 -25.44 24.97
C SER B 118 4.02 -24.36 26.04
N GLU B 119 4.93 -24.45 27.02
CA GLU B 119 4.99 -23.42 28.06
C GLU B 119 5.39 -22.08 27.47
N LEU B 120 6.36 -22.08 26.55
CA LEU B 120 6.77 -20.87 25.84
C LEU B 120 5.63 -20.27 25.05
N GLU B 121 4.84 -21.11 24.40
CA GLU B 121 3.70 -20.62 23.64
C GLU B 121 2.69 -19.95 24.57
N ARG B 122 2.34 -20.62 25.68
CA ARG B 122 1.39 -20.03 26.64
C ARG B 122 1.91 -18.71 27.21
N LEU B 123 3.18 -18.68 27.59
CA LEU B 123 3.77 -17.45 28.09
C LEU B 123 3.72 -16.36 27.04
N THR B 124 4.07 -16.69 25.80
CA THR B 124 4.06 -15.68 24.74
C THR B 124 2.66 -15.13 24.56
N ARG B 125 1.66 -16.01 24.63
CA ARG B 125 0.29 -15.59 24.42
C ARG B 125 -0.22 -14.74 25.59
N VAL B 126 0.13 -15.11 26.81
CA VAL B 126 -0.30 -14.32 27.95
C VAL B 126 0.35 -12.94 27.91
N PHE B 127 1.66 -12.89 27.62
CA PHE B 127 2.33 -11.60 27.44
C PHE B 127 1.59 -10.73 26.44
N THR B 128 1.23 -11.32 25.30
CA THR B 128 0.49 -10.57 24.27
C THR B 128 -0.85 -10.09 24.79
N GLN B 129 -1.54 -10.92 25.58
CA GLN B 129 -2.79 -10.47 26.19
C GLN B 129 -2.54 -9.26 27.08
N LYS B 130 -1.40 -9.22 27.77
CA LYS B 130 -1.16 -8.13 28.69
C LYS B 130 -0.65 -6.86 28.02
N ILE B 131 -0.17 -6.92 26.78
CA ILE B 131 0.34 -5.73 26.11
C ILE B 131 -0.39 -5.41 24.82
N HIS B 132 -1.43 -6.15 24.45
CA HIS B 132 -2.06 -5.93 23.15
C HIS B 132 -2.53 -4.48 23.02
N ASP B 133 -2.99 -3.88 24.11
CA ASP B 133 -3.51 -2.53 24.06
C ASP B 133 -2.43 -1.48 23.92
N LEU B 134 -1.17 -1.84 24.17
CA LEU B 134 -0.02 -0.95 24.14
C LEU B 134 0.79 -1.05 22.86
N ILE B 135 0.60 -2.10 22.07
CA ILE B 135 1.33 -2.27 20.82
C ILE B 135 0.35 -2.16 19.67
N GLY B 136 0.85 -2.25 18.46
CA GLY B 136 -0.03 -2.22 17.29
C GLY B 136 0.73 -1.73 16.08
N ILE B 137 0.10 -1.94 14.93
CA ILE B 137 0.75 -1.76 13.63
C ILE B 137 1.31 -0.35 13.47
N HIS B 138 0.63 0.66 14.04
CA HIS B 138 1.03 2.07 13.94
C HIS B 138 1.37 2.63 15.31
N ARG B 139 1.64 1.78 16.27
CA ARG B 139 1.94 2.15 17.65
C ARG B 139 3.27 1.60 18.13
N ASP B 140 3.50 0.29 18.03
CA ASP B 140 4.77 -0.30 18.48
C ASP B 140 4.83 -1.73 17.97
N VAL B 141 5.90 -2.07 17.27
CA VAL B 141 5.96 -3.26 16.43
C VAL B 141 7.11 -4.14 16.93
N PRO B 142 6.82 -5.18 17.65
CA PRO B 142 7.91 -5.99 18.20
C PRO B 142 8.59 -6.85 17.15
N ALA B 143 9.59 -7.58 17.61
CA ALA B 143 10.47 -8.35 16.73
C ALA B 143 11.23 -9.34 17.59
N PRO B 144 11.87 -10.32 16.98
CA PRO B 144 12.65 -11.29 17.75
C PRO B 144 13.91 -10.64 18.31
N ASP B 145 14.47 -11.30 19.31
CA ASP B 145 15.69 -10.85 19.98
C ASP B 145 16.24 -12.08 20.68
N MET B 146 17.13 -11.89 21.66
CA MET B 146 17.68 -13.04 22.35
C MET B 146 16.57 -13.84 23.02
N GLY B 147 16.58 -15.15 22.81
CA GLY B 147 15.61 -16.05 23.39
C GLY B 147 14.27 -16.14 22.66
N THR B 148 14.04 -15.33 21.64
CA THR B 148 12.82 -15.47 20.86
C THR B 148 13.18 -15.62 19.40
N ASN B 149 12.19 -16.01 18.58
CA ASN B 149 12.41 -16.30 17.18
C ASN B 149 11.09 -16.16 16.40
N SER B 150 11.13 -16.56 15.13
CA SER B 150 9.97 -16.32 14.27
C SER B 150 8.76 -17.12 14.74
N GLN B 151 8.98 -18.28 15.37
CA GLN B 151 7.84 -18.99 15.96
C GLN B 151 7.20 -18.18 17.09
N THR B 152 8.03 -17.58 17.95
CA THR B 152 7.53 -16.65 18.97
C THR B 152 6.66 -15.58 18.31
N MET B 153 7.15 -15.00 17.22
CA MET B 153 6.40 -13.91 16.59
C MET B 153 5.08 -14.40 16.03
N ALA B 154 5.05 -15.63 15.53
CA ALA B 154 3.82 -16.21 15.03
C ALA B 154 2.79 -16.29 16.14
N TRP B 155 3.24 -16.63 17.34
CA TRP B 155 2.30 -16.76 18.46
C TRP B 155 1.79 -15.40 18.88
N ILE B 156 2.66 -14.39 18.90
CA ILE B 156 2.22 -13.04 19.19
C ILE B 156 1.21 -12.60 18.15
N LEU B 157 1.54 -12.77 16.86
CA LEU B 157 0.59 -12.41 15.80
C LEU B 157 -0.76 -13.09 16.01
N ASP B 158 -0.73 -14.38 16.31
CA ASP B 158 -1.97 -15.12 16.42
C ASP B 158 -2.83 -14.61 17.56
N GLU B 159 -2.22 -14.40 18.73
CA GLU B 159 -3.00 -13.98 19.88
C GLU B 159 -3.46 -12.55 19.71
N TYR B 160 -2.60 -11.68 19.16
CA TYR B 160 -2.97 -10.28 18.97
C TYR B 160 -4.12 -10.18 17.98
N SER B 161 -4.09 -11.01 16.94
CA SER B 161 -5.17 -10.98 15.96
C SER B 161 -6.53 -11.36 16.53
N LYS B 162 -6.59 -12.11 17.64
CA LYS B 162 -7.87 -12.38 18.28
C LYS B 162 -8.49 -11.11 18.84
N PHE B 163 -7.66 -10.14 19.24
CA PHE B 163 -8.15 -8.90 19.80
C PHE B 163 -8.42 -7.84 18.74
N HIS B 164 -7.75 -7.93 17.57
CA HIS B 164 -7.80 -6.85 16.59
C HIS B 164 -7.93 -7.29 15.14
N GLY B 165 -8.16 -8.58 14.85
CA GLY B 165 -8.21 -9.06 13.48
C GLY B 165 -6.81 -9.33 12.93
N HIS B 166 -6.78 -10.02 11.79
N HIS B 166 -6.77 -10.01 11.78
CA HIS B 166 -5.50 -10.32 11.16
CA HIS B 166 -5.48 -10.33 11.16
C HIS B 166 -4.68 -9.03 11.13
C HIS B 166 -4.64 -9.06 11.05
N SER B 167 -3.52 -9.05 11.77
CA SER B 167 -2.66 -7.88 11.87
C SER B 167 -1.24 -8.29 11.54
N PRO B 168 -0.97 -8.70 10.30
CA PRO B 168 0.39 -9.17 9.99
C PRO B 168 1.46 -8.16 10.32
N ALA B 169 1.22 -6.86 10.16
CA ALA B 169 2.27 -5.91 10.42
C ALA B 169 2.50 -5.66 11.91
N VAL B 170 1.78 -6.34 12.82
CA VAL B 170 2.01 -6.00 14.23
C VAL B 170 3.37 -6.48 14.77
N VAL B 171 4.02 -7.46 14.12
CA VAL B 171 5.37 -7.89 14.50
C VAL B 171 6.18 -8.11 13.24
N THR B 172 7.50 -8.03 13.37
CA THR B 172 8.36 -8.47 12.27
C THR B 172 9.11 -9.73 12.67
N GLY B 173 9.96 -10.19 11.74
CA GLY B 173 10.64 -11.47 11.93
C GLY B 173 9.70 -12.65 11.85
N LYS B 174 8.57 -12.53 11.14
CA LYS B 174 7.60 -13.61 11.08
C LYS B 174 8.06 -14.73 10.16
N PRO B 175 7.53 -15.93 10.33
CA PRO B 175 7.74 -16.95 9.31
C PRO B 175 7.23 -16.45 7.97
N ILE B 176 7.85 -16.91 6.90
CA ILE B 176 7.42 -16.47 5.58
C ILE B 176 5.97 -16.88 5.33
N ASP B 177 5.57 -18.06 5.82
CA ASP B 177 4.18 -18.48 5.64
C ASP B 177 3.18 -17.51 6.26
N LEU B 178 3.61 -16.63 7.16
CA LEU B 178 2.68 -15.71 7.80
C LEU B 178 3.04 -14.26 7.49
N GLY B 179 3.66 -14.00 6.35
CA GLY B 179 3.97 -12.63 5.96
C GLY B 179 5.39 -12.18 6.26
N GLY B 180 6.29 -13.11 6.53
CA GLY B 180 7.68 -12.73 6.69
C GLY B 180 8.30 -12.35 5.36
N SER B 181 9.30 -11.49 5.42
CA SER B 181 9.99 -10.98 4.24
C SER B 181 11.12 -11.91 3.85
N LEU B 182 11.35 -12.00 2.54
CA LEU B 182 12.56 -12.59 2.01
C LEU B 182 13.75 -11.69 2.31
N GLY B 183 14.95 -12.24 2.25
CA GLY B 183 16.16 -11.44 2.39
C GLY B 183 16.57 -11.13 3.82
N ARG B 184 15.92 -11.70 4.83
CA ARG B 184 16.27 -11.34 6.19
C ARG B 184 17.60 -11.96 6.62
N GLU B 185 17.86 -13.19 6.22
CA GLU B 185 19.04 -13.84 6.75
C GLU B 185 20.30 -13.10 6.31
N ALA B 186 20.37 -12.70 5.06
CA ALA B 186 21.52 -11.98 4.54
C ALA B 186 21.52 -10.50 4.85
N ALA B 187 20.46 -9.98 5.49
CA ALA B 187 20.25 -8.53 5.51
C ALA B 187 21.40 -7.80 6.19
N THR B 188 21.77 -8.23 7.37
CA THR B 188 22.77 -7.47 8.11
C THR B 188 24.13 -7.52 7.40
N GLY B 189 24.63 -8.72 7.10
CA GLY B 189 25.92 -8.85 6.44
C GLY B 189 25.98 -8.19 5.09
N LEU B 190 24.93 -8.32 4.29
CA LEU B 190 24.86 -7.66 3.02
C LEU B 190 24.81 -6.15 3.20
N GLY B 191 24.05 -5.68 4.19
CA GLY B 191 24.04 -4.25 4.46
C GLY B 191 25.41 -3.70 4.86
N VAL B 192 26.19 -4.51 5.58
CA VAL B 192 27.54 -4.12 5.92
C VAL B 192 28.33 -3.84 4.66
N VAL B 193 28.15 -4.67 3.64
CA VAL B 193 28.94 -4.53 2.43
C VAL B 193 28.44 -3.35 1.59
N PHE B 194 27.13 -3.16 1.56
CA PHE B 194 26.61 -1.98 0.87
C PHE B 194 27.13 -0.70 1.51
N ALA B 195 27.15 -0.64 2.86
CA ALA B 195 27.74 0.53 3.51
C ALA B 195 29.22 0.67 3.20
N THR B 196 29.97 -0.44 3.20
CA THR B 196 31.39 -0.36 2.86
C THR B 196 31.59 0.14 1.44
N GLU B 197 30.76 -0.34 0.51
CA GLU B 197 30.93 0.08 -0.87
C GLU B 197 30.74 1.58 -1.01
N ALA B 198 29.74 2.12 -0.30
CA ALA B 198 29.50 3.55 -0.30
C ALA B 198 30.70 4.31 0.24
N LEU B 199 31.24 3.83 1.37
CA LEU B 199 32.39 4.50 1.96
C LEU B 199 33.56 4.52 0.99
N PHE B 200 33.84 3.37 0.36
CA PHE B 200 35.04 3.30 -0.46
C PHE B 200 34.90 4.14 -1.70
N ALA B 201 33.69 4.33 -2.19
CA ALA B 201 33.46 5.18 -3.35
C ALA B 201 33.95 6.61 -3.10
N GLU B 202 33.95 7.08 -1.84
CA GLU B 202 34.45 8.43 -1.58
C GLU B 202 35.92 8.55 -1.94
N TYR B 203 36.64 7.44 -1.95
CA TYR B 203 38.03 7.39 -2.34
C TYR B 203 38.21 6.93 -3.77
N GLY B 204 37.14 6.79 -4.52
CA GLY B 204 37.23 6.13 -5.81
C GLY B 204 37.84 4.75 -5.73
N LYS B 205 37.59 4.03 -4.63
CA LYS B 205 38.08 2.67 -4.47
C LYS B 205 36.88 1.75 -4.35
N SER B 206 37.15 0.46 -4.44
CA SER B 206 36.11 -0.55 -4.42
C SER B 206 36.59 -1.73 -3.60
N ILE B 207 35.64 -2.61 -3.26
CA ILE B 207 35.91 -3.78 -2.44
C ILE B 207 37.10 -4.55 -2.98
N SER B 208 37.15 -4.70 -4.30
CA SER B 208 38.15 -5.55 -4.93
C SER B 208 39.56 -4.96 -4.84
N ASP B 209 39.70 -3.73 -4.38
CA ASP B 209 41.03 -3.16 -4.13
C ASP B 209 41.61 -3.59 -2.79
N MET B 210 40.84 -4.27 -1.95
CA MET B 210 41.12 -4.31 -0.52
C MET B 210 41.35 -5.73 0.00
N THR B 211 42.12 -5.81 1.09
CA THR B 211 42.20 -7.01 1.91
C THR B 211 41.41 -6.78 3.19
N PHE B 212 40.75 -7.84 3.66
CA PHE B 212 39.82 -7.80 4.78
C PHE B 212 40.19 -8.84 5.84
N ALA B 213 40.07 -8.45 7.10
CA ALA B 213 40.09 -9.37 8.23
C ALA B 213 38.75 -9.28 8.95
N ILE B 214 38.14 -10.43 9.20
CA ILE B 214 36.79 -10.51 9.72
C ILE B 214 36.81 -11.28 11.03
N GLN B 215 36.27 -10.67 12.09
CA GLN B 215 36.24 -11.32 13.39
C GLN B 215 34.81 -11.79 13.63
N GLY B 216 34.61 -13.10 13.72
CA GLY B 216 33.27 -13.62 13.84
C GLY B 216 32.81 -14.17 12.52
N PHE B 217 32.14 -15.30 12.56
CA PHE B 217 31.74 -16.00 11.36
C PHE B 217 30.39 -16.66 11.63
N GLY B 218 29.46 -15.87 12.14
CA GLY B 218 28.09 -16.35 12.28
C GLY B 218 27.22 -15.67 11.25
N ASN B 219 26.03 -15.24 11.64
CA ASN B 219 25.08 -14.75 10.65
C ASN B 219 25.64 -13.53 9.92
N VAL B 220 26.30 -12.62 10.65
CA VAL B 220 26.83 -11.41 10.03
C VAL B 220 28.08 -11.73 9.25
N GLY B 221 29.03 -12.40 9.92
CA GLY B 221 30.31 -12.65 9.32
C GLY B 221 30.25 -13.49 8.06
N THR B 222 29.42 -14.55 8.05
CA THR B 222 29.35 -15.38 6.84
C THR B 222 28.82 -14.60 5.66
N TRP B 223 27.76 -13.82 5.88
CA TRP B 223 27.12 -13.13 4.77
C TRP B 223 27.98 -11.97 4.30
N ALA B 224 28.59 -11.24 5.23
CA ALA B 224 29.56 -10.22 4.85
C ALA B 224 30.73 -10.82 4.06
N ALA B 225 31.34 -11.88 4.60
CA ALA B 225 32.45 -12.51 3.90
C ALA B 225 32.03 -12.95 2.50
N LYS B 226 30.86 -13.55 2.40
CA LYS B 226 30.42 -14.06 1.10
C LYS B 226 30.31 -12.92 0.09
N ALA B 227 29.67 -11.83 0.50
CA ALA B 227 29.41 -10.70 -0.39
C ALA B 227 30.69 -9.97 -0.76
N ILE B 228 31.64 -9.91 0.17
CA ILE B 228 32.96 -9.34 -0.12
C ILE B 228 33.69 -10.19 -1.15
N PHE B 229 33.72 -11.48 -0.92
CA PHE B 229 34.41 -12.41 -1.81
C PHE B 229 33.86 -12.29 -3.23
N GLU B 230 32.54 -12.28 -3.36
CA GLU B 230 31.93 -12.20 -4.69
C GLU B 230 32.17 -10.83 -5.30
N ARG B 231 32.57 -9.85 -4.51
CA ARG B 231 32.89 -8.55 -5.06
C ARG B 231 34.38 -8.40 -5.28
N GLY B 232 35.12 -9.51 -5.25
CA GLY B 232 36.54 -9.51 -5.52
C GLY B 232 37.36 -9.11 -4.33
N GLY B 233 36.76 -8.91 -3.17
CA GLY B 233 37.54 -8.65 -1.99
C GLY B 233 38.39 -9.86 -1.62
N LYS B 234 39.49 -9.58 -0.95
CA LYS B 234 40.41 -10.61 -0.53
C LYS B 234 40.30 -10.75 0.97
N VAL B 235 39.70 -11.84 1.44
CA VAL B 235 39.54 -12.05 2.89
C VAL B 235 40.78 -12.83 3.33
N VAL B 236 41.66 -12.14 4.05
CA VAL B 236 42.95 -12.71 4.41
C VAL B 236 42.99 -13.28 5.82
N ALA B 237 41.97 -13.05 6.64
CA ALA B 237 41.92 -13.65 7.97
C ALA B 237 40.48 -13.65 8.49
N VAL B 238 40.11 -14.74 9.16
CA VAL B 238 38.77 -14.90 9.72
C VAL B 238 38.92 -15.65 11.04
N SER B 239 38.22 -15.19 12.07
CA SER B 239 38.19 -15.86 13.35
C SER B 239 36.75 -16.17 13.76
N ASP B 240 36.59 -17.16 14.63
CA ASP B 240 35.39 -17.31 15.43
C ASP B 240 35.86 -17.60 16.86
N ILE B 241 34.96 -18.11 17.70
CA ILE B 241 35.31 -18.20 19.11
C ILE B 241 36.33 -19.31 19.36
N ASN B 242 36.35 -20.33 18.50
CA ASN B 242 37.22 -21.48 18.70
C ASN B 242 38.56 -21.36 18.02
N GLY B 243 38.73 -20.42 17.09
CA GLY B 243 40.00 -20.36 16.41
C GLY B 243 39.93 -19.43 15.23
N ALA B 244 41.01 -19.45 14.45
CA ALA B 244 41.11 -18.49 13.38
C ALA B 244 42.06 -19.06 12.34
N ILE B 245 41.91 -18.56 11.11
CA ILE B 245 42.80 -18.90 10.02
C ILE B 245 43.15 -17.64 9.22
N SER B 246 44.31 -17.69 8.57
CA SER B 246 44.75 -16.62 7.69
C SER B 246 45.24 -17.20 6.37
N ASN B 247 45.12 -16.40 5.32
CA ASN B 247 45.71 -16.78 4.05
C ASN B 247 46.00 -15.49 3.29
N PRO B 248 47.27 -15.14 3.10
CA PRO B 248 47.58 -13.83 2.49
C PRO B 248 47.22 -13.73 0.99
N ASN B 249 46.90 -14.82 0.32
CA ASN B 249 46.37 -14.75 -1.03
C ASN B 249 44.85 -14.75 -1.06
N GLY B 250 44.21 -14.69 0.10
CA GLY B 250 42.76 -14.69 0.15
C GLY B 250 42.22 -16.07 0.45
N ILE B 251 41.42 -16.19 1.51
CA ILE B 251 40.73 -17.42 1.81
C ILE B 251 39.63 -17.63 0.76
N ASP B 252 39.51 -18.86 0.31
CA ASP B 252 38.39 -19.19 -0.58
C ASP B 252 37.10 -19.28 0.23
N ILE B 253 36.35 -18.19 0.30
CA ILE B 253 35.18 -18.12 1.18
C ILE B 253 34.10 -19.09 0.74
N ALA B 254 33.95 -19.28 -0.58
CA ALA B 254 33.03 -20.30 -1.05
C ALA B 254 33.34 -21.63 -0.38
N ALA B 255 34.60 -22.07 -0.48
CA ALA B 255 34.98 -23.35 0.09
C ALA B 255 34.86 -23.33 1.60
N LEU B 256 35.24 -22.21 2.23
CA LEU B 256 35.08 -22.09 3.68
C LEU B 256 33.62 -22.23 4.06
N LEU B 257 32.72 -21.65 3.27
CA LEU B 257 31.31 -21.77 3.62
C LEU B 257 30.86 -23.22 3.49
N LYS B 258 31.29 -23.91 2.42
CA LYS B 258 31.00 -25.33 2.30
C LYS B 258 31.51 -26.08 3.53
N HIS B 259 32.75 -25.79 3.93
CA HIS B 259 33.31 -26.42 5.11
C HIS B 259 32.38 -26.24 6.31
N LYS B 260 31.98 -25.00 6.58
CA LYS B 260 31.12 -24.71 7.73
C LYS B 260 29.80 -25.45 7.61
N ALA B 261 29.18 -25.35 6.44
CA ALA B 261 27.91 -26.02 6.20
C ALA B 261 28.01 -27.51 6.48
N GLY B 262 29.20 -28.10 6.34
CA GLY B 262 29.43 -29.51 6.62
C GLY B 262 29.84 -29.79 8.05
N ASN B 263 29.56 -28.84 8.93
CA ASN B 263 29.88 -28.87 10.36
C ASN B 263 31.38 -28.78 10.66
N GLY B 264 32.18 -28.30 9.71
CA GLY B 264 33.59 -28.10 9.97
C GLY B 264 33.83 -26.92 10.88
N SER B 265 34.82 -27.04 11.75
CA SER B 265 35.25 -25.90 12.53
C SER B 265 36.11 -25.01 11.66
N LEU B 266 35.90 -23.70 11.80
CA LEU B 266 36.71 -22.71 11.11
C LEU B 266 38.18 -23.04 11.18
N LYS B 267 38.68 -23.28 12.38
CA LYS B 267 40.12 -23.45 12.51
C LYS B 267 40.64 -24.72 11.83
N ASP B 268 39.76 -25.62 11.38
CA ASP B 268 40.20 -26.83 10.72
C ASP B 268 40.13 -26.73 9.20
N PHE B 269 39.72 -25.58 8.67
CA PHE B 269 39.68 -25.40 7.23
C PHE B 269 41.09 -25.52 6.65
N SER B 270 41.24 -26.38 5.65
CA SER B 270 42.57 -26.63 5.09
C SER B 270 43.04 -25.49 4.18
N GLY B 271 42.16 -24.57 3.81
CA GLY B 271 42.56 -23.53 2.87
C GLY B 271 43.13 -22.29 3.55
N GLY B 272 43.82 -22.50 4.67
CA GLY B 272 44.45 -21.41 5.39
C GLY B 272 45.41 -21.92 6.44
N ASP B 273 46.09 -20.98 7.07
CA ASP B 273 47.08 -21.28 8.10
C ASP B 273 46.49 -20.96 9.46
N ALA B 274 46.92 -21.70 10.48
CA ALA B 274 46.50 -21.39 11.84
C ALA B 274 47.01 -20.02 12.28
N MET B 275 46.18 -19.32 13.03
CA MET B 275 46.62 -18.05 13.58
C MET B 275 46.00 -17.86 14.95
N ASN B 276 46.73 -17.10 15.74
CA ASN B 276 46.38 -16.50 17.02
C ASN B 276 45.12 -15.67 16.81
N PRO B 277 43.98 -16.08 17.35
CA PRO B 277 42.78 -15.23 17.19
C PRO B 277 42.92 -13.84 17.79
N ASN B 278 43.90 -13.62 18.68
CA ASN B 278 44.18 -12.27 19.16
C ASN B 278 44.76 -11.41 18.05
N ASP B 279 45.67 -11.96 17.24
CA ASP B 279 46.25 -11.23 16.13
C ASP B 279 45.19 -10.87 15.08
N LEU B 280 43.93 -11.26 15.27
CA LEU B 280 42.94 -10.93 14.23
C LEU B 280 42.77 -9.42 14.14
N LEU B 281 42.38 -8.79 15.25
CA LEU B 281 42.12 -7.35 15.21
C LEU B 281 43.36 -6.57 14.81
N VAL B 282 44.55 -7.10 15.05
CA VAL B 282 45.77 -6.39 14.67
C VAL B 282 46.45 -7.02 13.46
N HIS B 283 45.71 -7.81 12.69
CA HIS B 283 46.26 -8.45 11.51
C HIS B 283 46.51 -7.42 10.44
N ASP B 284 47.51 -7.71 9.59
CA ASP B 284 47.74 -6.95 8.36
C ASP B 284 46.51 -7.03 7.47
N CYS B 285 45.96 -5.89 7.13
CA CYS B 285 44.82 -5.86 6.22
C CYS B 285 44.57 -4.39 5.92
N ASP B 286 43.77 -4.14 4.88
CA ASP B 286 43.27 -2.79 4.64
C ASP B 286 42.04 -2.49 5.49
N VAL B 287 41.17 -3.49 5.66
CA VAL B 287 39.85 -3.32 6.27
C VAL B 287 39.65 -4.38 7.35
N LEU B 288 39.21 -3.96 8.51
CA LEU B 288 38.89 -4.84 9.62
C LEU B 288 37.39 -4.79 9.84
N ILE B 289 36.76 -5.94 10.02
CA ILE B 289 35.31 -6.00 10.26
C ILE B 289 35.02 -6.85 11.49
N PRO B 290 34.86 -6.22 12.65
CA PRO B 290 34.48 -6.97 13.85
C PRO B 290 33.02 -7.32 13.74
N CYS B 291 32.72 -8.62 13.77
CA CYS B 291 31.40 -9.22 13.55
C CYS B 291 31.05 -10.17 14.67
N ALA B 292 31.61 -9.97 15.85
CA ALA B 292 31.46 -10.98 16.89
C ALA B 292 30.93 -10.36 18.18
N LEU B 293 31.81 -9.71 18.91
CA LEU B 293 31.63 -9.30 20.28
C LEU B 293 31.81 -7.80 20.36
N GLY B 294 31.18 -7.20 21.35
CA GLY B 294 31.49 -5.84 21.70
C GLY B 294 32.73 -5.78 22.58
N GLY B 295 33.30 -4.58 22.69
CA GLY B 295 34.40 -4.38 23.61
C GLY B 295 35.70 -5.04 23.21
N VAL B 296 35.97 -5.20 21.91
CA VAL B 296 37.17 -5.91 21.50
C VAL B 296 38.32 -4.99 21.13
N LEU B 297 38.04 -3.74 20.76
CA LEU B 297 39.08 -2.75 20.52
C LEU B 297 39.12 -1.81 21.72
N ASN B 298 40.28 -1.75 22.39
CA ASN B 298 40.43 -1.02 23.64
C ASN B 298 41.81 -0.34 23.65
N LYS B 299 42.17 0.32 24.76
CA LYS B 299 43.42 1.07 24.72
C LYS B 299 44.65 0.19 24.66
N GLU B 300 44.52 -1.12 24.94
CA GLU B 300 45.72 -1.96 24.93
C GLU B 300 46.04 -2.54 23.55
N ASN B 301 45.07 -2.66 22.64
CA ASN B 301 45.39 -3.14 21.31
C ASN B 301 45.18 -2.10 20.21
N ALA B 302 44.54 -0.97 20.51
CA ALA B 302 44.20 -0.05 19.41
C ALA B 302 45.44 0.45 18.69
N ASN B 303 46.55 0.63 19.41
CA ASN B 303 47.76 1.13 18.78
C ASN B 303 48.35 0.15 17.78
N ASP B 304 48.00 -1.12 17.88
CA ASP B 304 48.60 -2.11 16.99
C ASP B 304 47.70 -2.44 15.80
N VAL B 305 46.51 -1.82 15.70
CA VAL B 305 45.68 -2.03 14.50
C VAL B 305 46.40 -1.52 13.27
N LYS B 306 46.38 -2.33 12.20
CA LYS B 306 47.01 -2.06 10.91
C LYS B 306 46.04 -1.64 9.82
N ALA B 307 44.75 -1.84 10.02
CA ALA B 307 43.77 -1.50 9.02
C ALA B 307 43.64 0.01 8.86
N LYS B 308 43.34 0.43 7.64
CA LYS B 308 42.99 1.82 7.44
C LYS B 308 41.51 2.07 7.73
N PHE B 309 40.67 1.05 7.55
CA PHE B 309 39.23 1.14 7.72
C PHE B 309 38.78 0.08 8.72
N ILE B 310 37.91 0.49 9.65
CA ILE B 310 37.18 -0.43 10.51
C ILE B 310 35.70 -0.28 10.21
N ILE B 311 35.05 -1.39 9.91
CA ILE B 311 33.62 -1.44 9.64
C ILE B 311 32.98 -2.12 10.83
N GLU B 312 32.30 -1.38 11.67
CA GLU B 312 31.75 -1.95 12.91
C GLU B 312 30.45 -2.68 12.59
N ALA B 313 30.52 -4.01 12.48
CA ALA B 313 29.30 -4.79 12.31
C ALA B 313 28.72 -5.21 13.65
N ALA B 314 29.58 -5.73 14.55
CA ALA B 314 29.14 -6.06 15.89
C ALA B 314 28.64 -4.83 16.62
N ASN B 315 27.98 -5.07 17.74
CA ASN B 315 27.50 -4.00 18.60
C ASN B 315 28.67 -3.49 19.44
N HIS B 316 29.07 -2.26 19.21
CA HIS B 316 29.95 -1.56 20.12
C HIS B 316 31.29 -2.27 20.22
N PRO B 317 31.92 -2.63 19.11
CA PRO B 317 33.20 -3.31 19.21
C PRO B 317 34.33 -2.41 19.70
N THR B 318 34.17 -1.09 19.63
CA THR B 318 35.26 -0.12 19.84
C THR B 318 34.95 0.79 21.03
N ASP B 319 35.75 0.71 22.07
CA ASP B 319 35.48 1.53 23.25
C ASP B 319 36.01 2.95 23.05
N PRO B 320 35.67 3.87 23.94
CA PRO B 320 36.01 5.29 23.71
C PRO B 320 37.50 5.53 23.59
N ASP B 321 38.30 4.84 24.41
CA ASP B 321 39.75 4.98 24.33
C ASP B 321 40.27 4.58 22.96
N ALA B 322 39.84 3.41 22.47
CA ALA B 322 40.30 2.96 21.17
C ALA B 322 39.84 3.92 20.08
N ASP B 323 38.62 4.40 20.18
CA ASP B 323 38.11 5.39 19.23
C ASP B 323 39.04 6.58 19.13
N GLU B 324 39.54 7.08 20.26
CA GLU B 324 40.46 8.21 20.26
C GLU B 324 41.81 7.82 19.64
N ILE B 325 42.41 6.72 20.09
CA ILE B 325 43.69 6.29 19.54
C ILE B 325 43.59 6.11 18.03
N LEU B 326 42.50 5.50 17.58
CA LEU B 326 42.41 5.15 16.17
C LEU B 326 42.16 6.36 15.29
N SER B 327 41.30 7.28 15.74
CA SER B 327 41.20 8.55 15.02
C SER B 327 42.57 9.21 14.89
N LYS B 328 43.38 9.13 15.95
CA LYS B 328 44.71 9.75 15.93
C LYS B 328 45.64 9.07 14.93
N LYS B 329 45.62 7.74 14.85
CA LYS B 329 46.37 7.05 13.82
C LYS B 329 45.77 7.25 12.41
N GLY B 330 44.67 7.97 12.25
CA GLY B 330 44.07 8.17 10.94
C GLY B 330 43.11 7.08 10.49
N VAL B 331 42.71 6.17 11.36
CA VAL B 331 41.85 5.07 10.97
C VAL B 331 40.43 5.58 10.79
N ILE B 332 39.78 5.19 9.71
CA ILE B 332 38.40 5.60 9.45
C ILE B 332 37.46 4.50 9.93
N ILE B 333 36.54 4.86 10.82
CA ILE B 333 35.66 3.88 11.47
C ILE B 333 34.23 4.13 11.04
N LEU B 334 33.65 3.17 10.31
CA LEU B 334 32.25 3.23 9.96
C LEU B 334 31.43 2.73 11.15
N PRO B 335 30.58 3.54 11.74
CA PRO B 335 30.05 3.21 13.06
C PRO B 335 28.93 2.19 13.01
N ASP B 336 28.87 1.38 14.07
CA ASP B 336 27.89 0.28 14.19
C ASP B 336 26.45 0.77 14.07
N VAL B 337 26.09 1.87 14.75
CA VAL B 337 24.71 2.36 14.66
C VAL B 337 24.27 2.42 13.20
N TYR B 338 25.18 2.72 12.29
CA TYR B 338 24.82 2.70 10.87
C TYR B 338 25.14 1.38 10.18
N ALA B 339 26.35 0.86 10.38
CA ALA B 339 26.89 -0.18 9.50
C ALA B 339 26.10 -1.48 9.57
N ASN B 340 25.61 -1.88 10.75
CA ASN B 340 24.84 -3.12 10.90
C ASN B 340 23.33 -2.92 10.76
N ALA B 341 22.89 -1.80 10.19
CA ALA B 341 21.47 -1.49 10.20
C ALA B 341 20.66 -2.21 9.12
N GLY B 342 21.28 -3.04 8.29
CA GLY B 342 20.52 -3.77 7.30
C GLY B 342 19.44 -4.63 7.93
N GLY B 343 19.71 -5.17 9.13
CA GLY B 343 18.73 -6.02 9.78
C GLY B 343 17.46 -5.26 10.11
N VAL B 344 17.61 -4.11 10.76
CA VAL B 344 16.42 -3.35 11.14
C VAL B 344 15.79 -2.76 9.88
N THR B 345 16.59 -2.45 8.86
CA THR B 345 16.03 -1.91 7.64
C THR B 345 15.15 -2.94 6.94
N VAL B 346 15.59 -4.18 6.84
CA VAL B 346 14.70 -5.18 6.22
C VAL B 346 13.48 -5.44 7.11
N SER B 347 13.61 -5.29 8.42
CA SER B 347 12.42 -5.57 9.20
C SER B 347 11.39 -4.48 8.96
N TYR B 348 11.86 -3.26 8.70
CA TYR B 348 10.98 -2.18 8.25
C TYR B 348 10.31 -2.59 6.95
N PHE B 349 11.09 -3.09 6.00
CA PHE B 349 10.54 -3.53 4.72
C PHE B 349 9.49 -4.63 4.92
N GLU B 350 9.69 -5.52 5.89
CA GLU B 350 8.64 -6.51 6.16
C GLU B 350 7.34 -5.82 6.58
N TRP B 351 7.43 -4.92 7.56
CA TRP B 351 6.25 -4.17 7.98
C TRP B 351 5.59 -3.45 6.80
N VAL B 352 6.40 -2.83 5.93
CA VAL B 352 5.86 -2.14 4.75
C VAL B 352 5.11 -3.12 3.87
N GLN B 353 5.74 -4.27 3.59
CA GLN B 353 5.06 -5.26 2.73
C GLN B 353 3.75 -5.72 3.34
N ASN B 354 3.74 -5.95 4.65
CA ASN B 354 2.49 -6.38 5.29
C ASN B 354 1.44 -5.28 5.17
N ILE B 355 1.83 -4.03 5.42
CA ILE B 355 0.91 -2.89 5.31
C ILE B 355 0.40 -2.75 3.87
N GLN B 356 1.27 -2.97 2.88
CA GLN B 356 0.84 -2.92 1.48
C GLN B 356 0.09 -4.17 1.06
N GLY B 357 0.01 -5.18 1.94
CA GLY B 357 -0.72 -6.40 1.64
C GLY B 357 -0.10 -7.28 0.55
N PHE B 358 1.15 -7.05 0.18
CA PHE B 358 1.71 -7.73 -0.98
C PHE B 358 3.21 -7.86 -0.79
N MET B 359 3.75 -9.09 -0.82
CA MET B 359 5.17 -9.26 -0.52
C MET B 359 6.02 -9.04 -1.77
N TRP B 360 7.19 -8.47 -1.55
CA TRP B 360 8.20 -8.27 -2.58
C TRP B 360 9.01 -9.53 -2.83
N ASP B 361 9.63 -9.61 -4.02
CA ASP B 361 10.59 -10.68 -4.22
C ASP B 361 11.96 -10.26 -3.67
N GLU B 362 12.89 -11.21 -3.62
CA GLU B 362 14.13 -10.92 -2.89
C GLU B 362 14.95 -9.84 -3.58
N GLU B 363 14.86 -9.76 -4.90
CA GLU B 363 15.60 -8.75 -5.66
C GLU B 363 15.16 -7.36 -5.23
N LYS B 364 13.86 -7.11 -5.20
CA LYS B 364 13.34 -5.83 -4.69
C LYS B 364 13.83 -5.54 -3.27
N VAL B 365 13.74 -6.50 -2.37
CA VAL B 365 14.22 -6.23 -1.01
C VAL B 365 15.67 -5.73 -1.04
N ASN B 366 16.53 -6.45 -1.76
CA ASN B 366 17.95 -6.11 -1.80
C ASN B 366 18.18 -4.79 -2.54
N GLN B 367 17.39 -4.53 -3.57
CA GLN B 367 17.47 -3.22 -4.23
C GLN B 367 17.11 -2.11 -3.26
N GLU B 368 16.03 -2.29 -2.49
CA GLU B 368 15.64 -1.24 -1.56
C GLU B 368 16.64 -1.14 -0.42
N LEU B 369 17.15 -2.27 0.05
CA LEU B 369 18.16 -2.24 1.11
C LEU B 369 19.39 -1.42 0.70
N LYS B 370 19.85 -1.61 -0.54
CA LYS B 370 21.02 -0.86 -1.02
C LYS B 370 20.71 0.62 -1.11
N ARG B 371 19.54 0.96 -1.60
CA ARG B 371 19.16 2.36 -1.68
C ARG B 371 19.15 3.01 -0.30
N TYR B 372 18.51 2.36 0.68
CA TYR B 372 18.48 2.92 2.02
C TYR B 372 19.89 3.07 2.62
N MET B 373 20.73 2.03 2.50
CA MET B 373 22.04 2.11 3.14
C MET B 373 22.92 3.15 2.44
N THR B 374 22.80 3.29 1.12
CA THR B 374 23.60 4.27 0.40
C THR B 374 23.16 5.69 0.74
N LYS B 375 21.86 5.95 0.67
CA LYS B 375 21.35 7.28 1.01
C LYS B 375 21.77 7.65 2.42
N ALA B 376 21.77 6.69 3.34
CA ALA B 376 22.11 7.05 4.70
C ALA B 376 23.59 7.40 4.80
N PHE B 377 24.46 6.66 4.11
CA PHE B 377 25.86 7.05 4.11
C PHE B 377 26.02 8.48 3.62
N ASN B 378 25.40 8.79 2.48
CA ASN B 378 25.47 10.14 1.93
C ASN B 378 24.96 11.18 2.90
N ASP B 379 23.89 10.87 3.64
CA ASP B 379 23.42 11.86 4.61
C ASP B 379 24.42 12.00 5.74
N ILE B 380 25.01 10.88 6.18
CA ILE B 380 25.98 10.90 7.26
C ILE B 380 27.18 11.74 6.85
N LYS B 381 27.68 11.50 5.62
CA LYS B 381 28.85 12.22 5.14
C LYS B 381 28.56 13.71 5.01
N ALA B 382 27.36 14.07 4.58
CA ALA B 382 27.03 15.49 4.54
C ALA B 382 27.07 16.09 5.94
N ASN B 383 26.59 15.35 6.94
CA ASN B 383 26.60 15.87 8.31
C ASN B 383 28.01 16.05 8.85
N CYS B 384 28.92 15.14 8.49
CA CYS B 384 30.33 15.27 8.89
C CYS B 384 30.96 16.54 8.34
N LYS B 385 30.63 16.88 7.10
CA LYS B 385 31.11 18.14 6.53
C LYS B 385 30.52 19.33 7.29
N THR B 386 29.21 19.31 7.52
CA THR B 386 28.57 20.40 8.24
C THR B 386 29.22 20.64 9.61
N HIS B 387 29.50 19.56 10.35
CA HIS B 387 29.88 19.64 11.76
C HIS B 387 31.36 19.39 11.98
N ASN B 388 32.11 19.15 10.91
CA ASN B 388 33.53 18.88 10.98
C ASN B 388 33.83 17.81 12.02
N CYS B 389 33.19 16.64 11.85
CA CYS B 389 33.30 15.57 12.82
C CYS B 389 33.49 14.26 12.10
N ASP B 390 33.83 13.21 12.87
CA ASP B 390 34.09 11.89 12.33
C ASP B 390 32.76 11.17 12.04
N LEU B 391 32.85 9.97 11.47
CA LEU B 391 31.63 9.33 10.99
C LEU B 391 30.69 8.93 12.12
N ARG B 392 31.24 8.54 13.28
CA ARG B 392 30.37 8.14 14.40
C ARG B 392 29.49 9.32 14.79
N MET B 393 30.10 10.49 14.96
N MET B 393 30.10 10.49 14.92
CA MET B 393 29.32 11.66 15.35
CA MET B 393 29.32 11.65 15.33
C MET B 393 28.45 12.15 14.20
C MET B 393 28.48 12.19 14.19
N GLY B 394 28.90 11.98 12.96
CA GLY B 394 28.06 12.37 11.85
C GLY B 394 26.78 11.55 11.84
N ALA B 395 26.87 10.27 12.18
CA ALA B 395 25.68 9.45 12.30
C ALA B 395 24.81 9.86 13.49
N PHE B 396 25.40 9.98 14.67
CA PHE B 396 24.59 10.26 15.83
C PHE B 396 23.97 11.64 15.76
N THR B 397 24.70 12.63 15.23
CA THR B 397 24.10 13.95 15.07
C THR B 397 22.97 13.92 14.06
N LEU B 398 23.11 13.11 13.00
CA LEU B 398 22.04 12.99 12.01
C LEU B 398 20.77 12.42 12.63
N GLY B 399 20.89 11.29 13.34
CA GLY B 399 19.72 10.69 13.95
C GLY B 399 19.12 11.56 15.03
N LEU B 400 19.98 12.14 15.89
CA LEU B 400 19.49 12.95 16.97
C LEU B 400 18.76 14.18 16.45
N ASN B 401 19.34 14.82 15.42
CA ASN B 401 18.71 16.03 14.90
C ASN B 401 17.38 15.71 14.24
N ARG B 402 17.27 14.54 13.58
CA ARG B 402 15.98 14.17 13.00
C ARG B 402 14.92 13.96 14.08
N VAL B 403 15.30 13.31 15.16
CA VAL B 403 14.32 13.15 16.25
C VAL B 403 14.01 14.49 16.90
N ALA B 404 15.04 15.32 17.12
CA ALA B 404 14.81 16.64 17.73
C ALA B 404 13.91 17.50 16.86
N ARG B 405 14.16 17.53 15.54
CA ARG B 405 13.30 18.32 14.66
C ARG B 405 11.87 17.80 14.68
N ALA B 406 11.69 16.48 14.64
CA ALA B 406 10.33 15.95 14.66
C ALA B 406 9.63 16.31 15.95
N THR B 407 10.38 16.27 17.05
CA THR B 407 9.83 16.59 18.36
C THR B 407 9.44 18.05 18.45
N LEU B 408 10.34 18.94 17.99
CA LEU B 408 10.06 20.37 18.07
C LEU B 408 8.88 20.75 17.18
N LEU B 409 8.78 20.17 16.00
CA LEU B 409 7.63 20.43 15.12
C LEU B 409 6.31 19.99 15.74
N ARG B 410 6.29 18.81 16.36
CA ARG B 410 5.05 18.37 16.98
C ARG B 410 4.58 19.32 18.06
N GLY B 411 5.49 19.96 18.78
CA GLY B 411 5.04 20.93 19.76
C GLY B 411 4.84 20.36 21.16
N TRP B 412 4.53 21.26 22.06
CA TRP B 412 4.50 20.97 23.48
C TRP B 412 3.21 21.36 24.17
N GLU B 413 2.31 22.04 23.49
CA GLU B 413 1.07 22.43 24.15
C GLU B 413 0.16 21.20 24.19
N ALA B 414 -0.78 21.20 25.13
CA ALA B 414 -1.60 20.01 25.38
C ALA B 414 -2.73 19.82 24.35
N ASN C 2 -31.31 -35.56 -8.70
CA ASN C 2 -30.05 -36.13 -9.28
C ASN C 2 -28.80 -35.77 -8.48
N ALA C 3 -28.73 -34.52 -8.05
CA ALA C 3 -27.54 -34.04 -7.39
C ALA C 3 -27.33 -34.79 -6.07
N MET C 4 -26.10 -35.22 -5.83
CA MET C 4 -25.67 -35.65 -4.50
C MET C 4 -25.58 -34.41 -3.59
N ASN C 5 -25.81 -34.62 -2.30
CA ASN C 5 -25.70 -33.47 -1.38
C ASN C 5 -24.34 -32.81 -1.56
N ALA C 6 -24.34 -31.47 -1.66
CA ALA C 6 -23.13 -30.78 -2.03
C ALA C 6 -22.04 -30.92 -0.97
N LEU C 7 -22.42 -30.91 0.32
CA LEU C 7 -21.40 -31.02 1.36
C LEU C 7 -20.92 -32.47 1.48
N VAL C 8 -21.81 -33.44 1.35
CA VAL C 8 -21.38 -34.83 1.28
C VAL C 8 -20.32 -34.98 0.18
N ALA C 9 -20.59 -34.41 -1.00
CA ALA C 9 -19.68 -34.61 -2.13
C ALA C 9 -18.33 -33.98 -1.83
N THR C 10 -18.35 -32.77 -1.30
CA THR C 10 -17.09 -32.07 -1.07
C THR C 10 -16.32 -32.71 0.06
N ASN C 11 -17.01 -33.16 1.13
CA ASN C 11 -16.35 -33.84 2.23
C ASN C 11 -15.72 -35.16 1.77
N ARG C 12 -16.32 -35.85 0.79
CA ARG C 12 -15.66 -37.03 0.25
C ARG C 12 -14.36 -36.66 -0.43
N ASN C 13 -14.33 -35.52 -1.13
CA ASN C 13 -13.10 -35.09 -1.76
C ASN C 13 -12.07 -34.69 -0.70
N PHE C 14 -12.51 -33.97 0.32
CA PHE C 14 -11.63 -33.59 1.42
C PHE C 14 -11.00 -34.83 2.06
N GLN C 15 -11.83 -35.85 2.30
CA GLN C 15 -11.33 -37.08 2.91
C GLN C 15 -10.31 -37.75 2.02
N ARG C 16 -10.56 -37.75 0.72
CA ARG C 16 -9.65 -38.42 -0.21
C ARG C 16 -8.31 -37.70 -0.21
N ALA C 17 -8.34 -36.37 -0.17
CA ALA C 17 -7.10 -35.61 -0.15
C ALA C 17 -6.36 -35.80 1.17
N SER C 18 -7.10 -35.83 2.28
CA SER C 18 -6.51 -36.01 3.59
C SER C 18 -5.84 -37.36 3.71
N ARG C 19 -6.44 -38.40 3.15
CA ARG C 19 -5.82 -39.72 3.18
C ARG C 19 -4.54 -39.74 2.33
N ILE C 20 -4.51 -39.00 1.23
CA ILE C 20 -3.28 -38.96 0.45
C ILE C 20 -2.17 -38.34 1.28
N LEU C 21 -2.48 -37.28 2.02
CA LEU C 21 -1.49 -36.60 2.84
C LEU C 21 -1.20 -37.33 4.14
N GLY C 22 -2.04 -38.29 4.52
CA GLY C 22 -1.83 -39.00 5.78
C GLY C 22 -2.11 -38.16 7.01
N LEU C 23 -3.01 -37.18 6.90
CA LEU C 23 -3.29 -36.34 8.06
C LEU C 23 -3.81 -37.17 9.22
N ASP C 24 -3.40 -36.83 10.43
CA ASP C 24 -4.02 -37.50 11.56
C ASP C 24 -5.46 -36.96 11.73
N SER C 25 -6.29 -37.72 12.44
CA SER C 25 -7.71 -37.41 12.47
C SER C 25 -8.04 -36.20 13.34
N LYS C 26 -7.19 -35.83 14.29
CA LYS C 26 -7.43 -34.65 15.12
C LYS C 26 -7.19 -33.36 14.33
N LEU C 27 -6.15 -33.34 13.50
CA LEU C 27 -5.87 -32.16 12.69
C LEU C 27 -6.86 -32.05 11.56
N GLU C 28 -7.08 -33.17 10.88
CA GLU C 28 -8.15 -33.27 9.90
C GLU C 28 -9.47 -32.73 10.45
N LYS C 29 -9.90 -33.21 11.63
CA LYS C 29 -11.19 -32.74 12.16
C LYS C 29 -11.21 -31.23 12.28
N SER C 30 -10.11 -30.65 12.78
CA SER C 30 -10.03 -29.21 12.96
C SER C 30 -10.10 -28.48 11.63
N LEU C 31 -9.42 -29.02 10.59
CA LEU C 31 -9.46 -28.34 9.30
C LEU C 31 -10.82 -28.48 8.62
N LEU C 32 -11.57 -29.55 8.89
CA LEU C 32 -12.88 -29.69 8.27
C LEU C 32 -13.88 -28.70 8.85
N ILE C 33 -13.99 -28.64 10.18
CA ILE C 33 -15.02 -27.85 10.85
C ILE C 33 -14.85 -26.38 10.50
N PRO C 34 -15.90 -25.67 10.07
CA PRO C 34 -15.72 -24.24 9.75
C PRO C 34 -15.42 -23.43 11.01
N TYR C 35 -14.57 -22.41 10.86
CA TYR C 35 -14.30 -21.47 11.95
C TYR C 35 -15.58 -20.86 12.51
N ARG C 36 -16.49 -20.43 11.65
CA ARG C 36 -17.75 -19.89 12.16
C ARG C 36 -18.84 -19.99 11.08
N GLU C 37 -20.05 -20.36 11.52
CA GLU C 37 -21.24 -20.41 10.67
C GLU C 37 -22.26 -19.42 11.21
N ILE C 38 -22.76 -18.56 10.34
CA ILE C 38 -23.68 -17.49 10.71
C ILE C 38 -24.92 -17.59 9.84
N LYS C 39 -26.09 -17.56 10.46
CA LYS C 39 -27.38 -17.46 9.77
C LYS C 39 -28.16 -16.32 10.41
N VAL C 40 -28.66 -15.39 9.58
CA VAL C 40 -29.29 -14.16 10.07
C VAL C 40 -30.59 -13.88 9.31
N GLU C 41 -31.57 -13.35 10.02
CA GLU C 41 -32.83 -12.96 9.38
C GLU C 41 -32.60 -11.74 8.50
N CYS C 42 -33.03 -11.80 7.23
CA CYS C 42 -33.04 -10.61 6.38
C CYS C 42 -34.47 -10.35 5.95
N THR C 43 -35.10 -9.38 6.58
CA THR C 43 -36.50 -9.06 6.28
C THR C 43 -36.54 -7.66 5.71
N ILE C 44 -37.27 -7.50 4.62
CA ILE C 44 -37.37 -6.19 3.95
C ILE C 44 -38.80 -5.96 3.52
N PRO C 45 -39.19 -4.69 3.39
CA PRO C 45 -40.42 -4.36 2.67
C PRO C 45 -40.24 -4.47 1.18
N LYS C 46 -41.22 -5.08 0.52
CA LYS C 46 -41.31 -5.03 -0.92
C LYS C 46 -41.72 -3.62 -1.36
N ASP C 47 -41.73 -3.41 -2.68
CA ASP C 47 -42.07 -2.09 -3.19
C ASP C 47 -43.49 -1.69 -2.86
N ASP C 48 -44.40 -2.67 -2.67
CA ASP C 48 -45.77 -2.35 -2.25
C ASP C 48 -45.92 -2.34 -0.72
N GLY C 49 -44.84 -2.45 0.02
CA GLY C 49 -44.89 -2.34 1.46
C GLY C 49 -45.03 -3.65 2.21
N SER C 50 -45.40 -4.72 1.53
CA SER C 50 -45.55 -6.01 2.21
C SER C 50 -44.17 -6.57 2.54
N LEU C 51 -44.13 -7.38 3.57
CA LEU C 51 -42.87 -7.88 4.08
C LEU C 51 -42.52 -9.21 3.44
N VAL C 52 -41.24 -9.42 3.24
CA VAL C 52 -40.68 -10.70 2.86
C VAL C 52 -39.47 -10.97 3.74
N SER C 53 -39.35 -12.22 4.20
CA SER C 53 -38.32 -12.64 5.14
C SER C 53 -37.48 -13.75 4.53
N TYR C 54 -36.17 -13.55 4.50
CA TYR C 54 -35.20 -14.51 4.03
C TYR C 54 -34.23 -14.84 5.15
N VAL C 55 -33.46 -15.88 4.98
CA VAL C 55 -32.38 -16.19 5.90
C VAL C 55 -31.11 -16.03 5.10
N GLY C 56 -30.21 -15.20 5.59
CA GLY C 56 -28.92 -14.99 4.97
C GLY C 56 -27.85 -15.79 5.70
N PHE C 57 -26.83 -16.23 4.96
CA PHE C 57 -25.78 -17.10 5.47
C PHE C 57 -24.42 -16.50 5.15
N ARG C 58 -23.50 -16.62 6.11
CA ARG C 58 -22.08 -16.44 5.84
C ARG C 58 -21.35 -17.56 6.57
N ILE C 59 -20.72 -18.47 5.84
CA ILE C 59 -19.88 -19.51 6.44
C ILE C 59 -18.43 -19.07 6.32
N GLN C 60 -17.77 -18.97 7.45
CA GLN C 60 -16.36 -18.60 7.52
C GLN C 60 -15.57 -19.87 7.79
N HIS C 61 -15.00 -20.48 6.75
CA HIS C 61 -14.50 -21.83 6.94
C HIS C 61 -13.11 -21.84 7.59
N ASP C 62 -12.17 -21.05 7.09
CA ASP C 62 -10.82 -21.13 7.65
C ASP C 62 -10.05 -19.84 7.44
N ASN C 63 -9.28 -19.40 8.45
CA ASN C 63 -8.56 -18.13 8.31
C ASN C 63 -7.11 -18.26 8.73
N ALA C 64 -6.54 -19.45 8.68
CA ALA C 64 -5.13 -19.59 9.03
C ALA C 64 -4.17 -18.87 8.08
N ARG C 65 -4.52 -18.74 6.78
CA ARG C 65 -3.59 -18.14 5.83
C ARG C 65 -3.87 -16.68 5.57
N GLY C 66 -4.98 -16.16 6.12
CA GLY C 66 -5.25 -14.76 6.11
C GLY C 66 -6.75 -14.49 6.20
N PRO C 67 -7.15 -13.25 5.97
CA PRO C 67 -8.58 -12.92 5.97
C PRO C 67 -9.34 -13.83 5.03
N MET C 68 -10.59 -14.08 5.36
CA MET C 68 -11.36 -15.04 4.63
C MET C 68 -11.91 -14.40 3.35
N LYS C 69 -12.13 -15.24 2.34
CA LYS C 69 -12.48 -14.70 1.03
C LYS C 69 -13.51 -15.57 0.35
N GLY C 70 -14.50 -14.93 -0.26
CA GLY C 70 -15.46 -15.67 -1.07
C GLY C 70 -16.71 -14.87 -1.33
N GLY C 71 -17.41 -15.29 -2.37
CA GLY C 71 -18.52 -14.55 -2.89
C GLY C 71 -19.79 -14.74 -2.11
N ILE C 72 -20.81 -14.01 -2.57
CA ILE C 72 -22.15 -14.09 -2.04
C ILE C 72 -23.08 -14.49 -3.16
N ARG C 73 -23.90 -15.54 -2.94
CA ARG C 73 -24.77 -16.10 -3.96
C ARG C 73 -26.24 -15.80 -3.65
N TYR C 74 -26.95 -15.21 -4.61
CA TYR C 74 -28.41 -15.10 -4.53
C TYR C 74 -28.99 -16.14 -5.49
N HIS C 75 -29.55 -17.22 -4.94
CA HIS C 75 -30.09 -18.28 -5.76
C HIS C 75 -31.05 -19.11 -4.93
N PRO C 76 -32.14 -19.63 -5.50
CA PRO C 76 -33.17 -20.31 -4.69
C PRO C 76 -32.70 -21.61 -4.01
N GLU C 77 -31.61 -22.21 -4.45
CA GLU C 77 -31.10 -23.45 -3.85
C GLU C 77 -30.02 -23.22 -2.81
N VAL C 78 -29.63 -21.96 -2.55
CA VAL C 78 -28.72 -21.69 -1.45
C VAL C 78 -29.29 -22.28 -0.17
N ASP C 79 -28.45 -22.99 0.56
CA ASP C 79 -28.80 -23.52 1.87
C ASP C 79 -27.51 -23.74 2.62
N PRO C 80 -27.58 -24.08 3.91
CA PRO C 80 -26.31 -24.21 4.67
C PRO C 80 -25.35 -25.22 4.07
N ASP C 81 -25.85 -26.33 3.51
CA ASP C 81 -24.96 -27.34 2.95
C ASP C 81 -24.17 -26.78 1.78
N GLU C 82 -24.86 -26.08 0.87
CA GLU C 82 -24.18 -25.50 -0.30
C GLU C 82 -23.16 -24.46 0.12
N VAL C 83 -23.55 -23.57 1.04
CA VAL C 83 -22.60 -22.55 1.45
C VAL C 83 -21.41 -23.17 2.19
N ASN C 84 -21.64 -24.18 3.02
CA ASN C 84 -20.50 -24.78 3.73
C ASN C 84 -19.53 -25.42 2.75
N ALA C 85 -20.08 -26.10 1.73
CA ALA C 85 -19.25 -26.74 0.72
C ALA C 85 -18.41 -25.70 -0.01
N LEU C 86 -19.04 -24.61 -0.42
CA LEU C 86 -18.33 -23.58 -1.19
C LEU C 86 -17.28 -22.88 -0.32
N ALA C 87 -17.62 -22.56 0.93
CA ALA C 87 -16.64 -21.94 1.81
C ALA C 87 -15.43 -22.83 1.97
N GLN C 88 -15.63 -24.14 2.08
CA GLN C 88 -14.50 -25.02 2.27
C GLN C 88 -13.66 -25.02 1.01
N LEU C 89 -14.32 -25.07 -0.16
CA LEU C 89 -13.57 -25.03 -1.40
C LEU C 89 -12.79 -23.74 -1.51
N MET C 90 -13.31 -22.65 -0.97
CA MET C 90 -12.57 -21.39 -1.07
C MET C 90 -11.25 -21.50 -0.31
N THR C 91 -11.29 -22.16 0.84
CA THR C 91 -10.08 -22.28 1.64
C THR C 91 -8.99 -22.99 0.87
N TRP C 92 -9.35 -24.02 0.11
CA TRP C 92 -8.33 -24.78 -0.60
C TRP C 92 -7.89 -24.03 -1.83
N LYS C 93 -8.85 -23.40 -2.52
CA LYS C 93 -8.57 -22.67 -3.76
C LYS C 93 -7.61 -21.51 -3.51
N THR C 94 -7.85 -20.72 -2.45
CA THR C 94 -6.96 -19.61 -2.14
C THR C 94 -5.56 -20.11 -1.88
N ALA C 95 -5.44 -21.29 -1.29
CA ALA C 95 -4.12 -21.82 -0.98
C ALA C 95 -3.46 -22.40 -2.23
N VAL C 96 -4.27 -22.89 -3.18
CA VAL C 96 -3.72 -23.40 -4.44
C VAL C 96 -3.01 -22.27 -5.20
N VAL C 97 -3.69 -21.14 -5.42
CA VAL C 97 -3.04 -20.02 -6.10
C VAL C 97 -2.10 -19.25 -5.18
N ASP C 98 -2.05 -19.60 -3.90
CA ASP C 98 -1.06 -19.05 -2.97
C ASP C 98 -1.26 -17.55 -2.79
N ILE C 99 -2.51 -17.15 -2.56
CA ILE C 99 -2.79 -15.78 -2.16
C ILE C 99 -3.07 -15.79 -0.66
N PRO C 100 -2.85 -14.69 0.01
CA PRO C 100 -2.90 -14.73 1.49
C PRO C 100 -4.31 -14.55 2.02
N TYR C 101 -5.18 -15.50 1.65
CA TYR C 101 -6.56 -15.52 2.14
C TYR C 101 -6.93 -16.91 2.64
N GLY C 102 -7.87 -16.93 3.59
CA GLY C 102 -8.66 -18.13 3.89
C GLY C 102 -9.96 -18.13 3.13
N GLY C 103 -10.87 -19.04 3.53
CA GLY C 103 -12.07 -19.32 2.77
C GLY C 103 -13.37 -19.01 3.49
N ALA C 104 -14.34 -18.50 2.74
CA ALA C 104 -15.66 -18.12 3.26
C ALA C 104 -16.62 -18.08 2.10
N LYS C 105 -17.91 -18.11 2.43
CA LYS C 105 -18.94 -18.01 1.42
C LYS C 105 -20.27 -17.63 2.06
N GLY C 106 -21.07 -16.91 1.30
CA GLY C 106 -22.33 -16.44 1.83
C GLY C 106 -23.40 -16.53 0.77
N GLY C 107 -24.63 -16.27 1.19
CA GLY C 107 -25.70 -16.24 0.20
C GLY C 107 -27.05 -16.09 0.83
N ILE C 108 -28.03 -15.84 -0.03
CA ILE C 108 -29.43 -15.78 0.37
C ILE C 108 -30.24 -16.63 -0.59
N GLY C 109 -31.16 -17.41 -0.03
CA GLY C 109 -32.03 -18.27 -0.80
C GLY C 109 -33.19 -17.52 -1.42
N CYS C 110 -32.89 -16.68 -2.41
CA CYS C 110 -33.88 -15.88 -3.10
C CYS C 110 -33.66 -16.07 -4.59
N ASN C 111 -34.63 -15.58 -5.34
CA ASN C 111 -34.59 -15.62 -6.79
C ASN C 111 -34.59 -14.17 -7.26
N PRO C 112 -33.44 -13.64 -7.69
CA PRO C 112 -33.38 -12.23 -8.10
C PRO C 112 -34.32 -11.87 -9.20
N LYS C 113 -34.62 -12.82 -10.08
CA LYS C 113 -35.58 -12.55 -11.14
C LYS C 113 -36.95 -12.17 -10.59
N ASP C 114 -37.28 -12.59 -9.38
CA ASP C 114 -38.57 -12.28 -8.78
C ASP C 114 -38.57 -10.95 -8.00
N LEU C 115 -37.42 -10.30 -7.91
CA LEU C 115 -37.25 -9.12 -7.09
C LEU C 115 -36.93 -7.92 -7.98
N SER C 116 -37.52 -6.76 -7.66
CA SER C 116 -37.16 -5.52 -8.31
C SER C 116 -35.77 -5.08 -7.86
N ILE C 117 -35.20 -4.14 -8.62
CA ILE C 117 -33.86 -3.68 -8.30
C ILE C 117 -33.86 -2.94 -6.97
N SER C 118 -34.95 -2.24 -6.63
CA SER C 118 -34.97 -1.56 -5.32
C SER C 118 -35.09 -2.57 -4.19
N GLU C 119 -35.84 -3.65 -4.42
CA GLU C 119 -35.91 -4.72 -3.42
C GLU C 119 -34.57 -5.42 -3.22
N LEU C 120 -33.86 -5.73 -4.31
CA LEU C 120 -32.53 -6.31 -4.20
C LEU C 120 -31.58 -5.39 -3.44
N GLU C 121 -31.67 -4.09 -3.69
CA GLU C 121 -30.83 -3.18 -2.94
C GLU C 121 -31.15 -3.27 -1.45
N ARG C 122 -32.43 -3.21 -1.09
CA ARG C 122 -32.76 -3.25 0.33
C ARG C 122 -32.29 -4.54 0.96
N LEU C 123 -32.49 -5.65 0.27
CA LEU C 123 -32.11 -6.96 0.79
C LEU C 123 -30.61 -7.04 1.00
N THR C 124 -29.85 -6.50 0.05
CA THR C 124 -28.40 -6.44 0.15
C THR C 124 -27.95 -5.57 1.32
N ARG C 125 -28.56 -4.39 1.46
CA ARG C 125 -28.15 -3.55 2.60
C ARG C 125 -28.54 -4.19 3.92
N VAL C 126 -29.74 -4.76 4.02
CA VAL C 126 -30.09 -5.42 5.29
C VAL C 126 -29.12 -6.56 5.59
N PHE C 127 -28.79 -7.36 4.59
CA PHE C 127 -27.82 -8.45 4.83
C PHE C 127 -26.51 -7.88 5.34
N THR C 128 -26.06 -6.76 4.75
CA THR C 128 -24.82 -6.15 5.22
C THR C 128 -24.95 -5.67 6.66
N GLN C 129 -26.09 -5.06 7.01
CA GLN C 129 -26.30 -4.64 8.39
C GLN C 129 -26.27 -5.82 9.34
N LYS C 130 -26.72 -6.99 8.92
CA LYS C 130 -26.72 -8.12 9.83
C LYS C 130 -25.37 -8.83 9.94
N ILE C 131 -24.41 -8.58 9.05
CA ILE C 131 -23.11 -9.23 9.14
C ILE C 131 -21.92 -8.26 9.23
N HIS C 132 -22.15 -6.95 9.30
CA HIS C 132 -21.01 -6.03 9.22
C HIS C 132 -19.99 -6.29 10.31
N ASP C 133 -20.47 -6.72 11.48
CA ASP C 133 -19.66 -7.00 12.64
C ASP C 133 -18.79 -8.25 12.45
N LEU C 134 -19.06 -9.05 11.42
CA LEU C 134 -18.40 -10.33 11.25
C LEU C 134 -17.47 -10.34 10.05
N ILE C 135 -17.54 -9.33 9.20
CA ILE C 135 -16.66 -9.17 8.05
C ILE C 135 -15.76 -7.95 8.24
N GLY C 136 -14.95 -7.65 7.25
CA GLY C 136 -13.99 -6.57 7.42
C GLY C 136 -12.79 -6.76 6.51
N ILE C 137 -12.07 -5.65 6.30
CA ILE C 137 -10.96 -5.61 5.36
C ILE C 137 -9.94 -6.68 5.68
N HIS C 138 -9.64 -6.86 6.97
CA HIS C 138 -8.65 -7.81 7.45
C HIS C 138 -9.31 -9.01 8.14
N ARG C 139 -10.57 -9.29 7.81
CA ARG C 139 -11.30 -10.35 8.50
C ARG C 139 -11.97 -11.34 7.53
N ASP C 140 -12.76 -10.81 6.59
CA ASP C 140 -13.58 -11.58 5.67
C ASP C 140 -14.08 -10.61 4.63
N VAL C 141 -13.80 -10.87 3.37
CA VAL C 141 -13.97 -9.93 2.28
C VAL C 141 -14.86 -10.59 1.23
N PRO C 142 -16.14 -10.20 1.15
CA PRO C 142 -17.04 -10.83 0.17
C PRO C 142 -16.79 -10.36 -1.27
N ALA C 143 -17.61 -10.82 -2.20
CA ALA C 143 -17.45 -10.61 -3.62
C ALA C 143 -18.74 -11.12 -4.29
N PRO C 144 -18.89 -10.95 -5.60
CA PRO C 144 -20.07 -11.47 -6.29
C PRO C 144 -19.96 -12.96 -6.55
N ASP C 145 -21.10 -13.64 -6.53
CA ASP C 145 -21.17 -15.01 -7.03
C ASP C 145 -22.43 -15.08 -7.90
N MET C 146 -23.04 -16.25 -8.06
CA MET C 146 -24.24 -16.35 -8.89
C MET C 146 -25.30 -15.40 -8.37
N GLY C 147 -26.01 -14.76 -9.30
CA GLY C 147 -27.13 -13.88 -8.95
C GLY C 147 -26.71 -12.55 -8.35
N THR C 148 -25.42 -12.27 -8.22
CA THR C 148 -24.98 -10.96 -7.78
C THR C 148 -23.93 -10.42 -8.77
N ASN C 149 -23.62 -9.13 -8.65
CA ASN C 149 -22.70 -8.50 -9.60
C ASN C 149 -22.10 -7.25 -8.97
N SER C 150 -21.40 -6.45 -9.77
CA SER C 150 -20.68 -5.33 -9.17
C SER C 150 -21.65 -4.32 -8.53
N GLN C 151 -22.86 -4.20 -9.04
CA GLN C 151 -23.81 -3.28 -8.41
C GLN C 151 -24.16 -3.77 -7.02
N THR C 152 -24.30 -5.09 -6.86
CA THR C 152 -24.52 -5.66 -5.54
C THR C 152 -23.40 -5.24 -4.60
N MET C 153 -22.16 -5.35 -5.07
CA MET C 153 -21.02 -5.08 -4.21
C MET C 153 -20.96 -3.60 -3.88
N ALA C 154 -21.44 -2.74 -4.78
CA ALA C 154 -21.51 -1.32 -4.51
C ALA C 154 -22.37 -1.04 -3.29
N TRP C 155 -23.52 -1.71 -3.21
CA TRP C 155 -24.42 -1.54 -2.08
C TRP C 155 -23.83 -2.07 -0.79
N ILE C 156 -23.13 -3.20 -0.85
CA ILE C 156 -22.44 -3.67 0.34
C ILE C 156 -21.41 -2.63 0.80
N LEU C 157 -20.58 -2.16 -0.12
CA LEU C 157 -19.58 -1.17 0.26
C LEU C 157 -20.23 0.01 0.97
N ASP C 158 -21.32 0.50 0.39
CA ASP C 158 -21.95 1.73 0.83
C ASP C 158 -22.60 1.55 2.19
N GLU C 159 -23.29 0.43 2.39
CA GLU C 159 -23.88 0.18 3.70
C GLU C 159 -22.81 -0.09 4.76
N TYR C 160 -21.85 -0.97 4.45
CA TYR C 160 -20.78 -1.27 5.42
C TYR C 160 -20.04 0.00 5.85
N SER C 161 -19.76 0.90 4.91
CA SER C 161 -19.03 2.11 5.26
C SER C 161 -19.77 3.01 6.23
N LYS C 162 -21.08 2.89 6.32
CA LYS C 162 -21.79 3.67 7.35
C LYS C 162 -21.41 3.23 8.76
N PHE C 163 -21.05 1.95 8.96
CA PHE C 163 -20.74 1.41 10.28
C PHE C 163 -19.25 1.50 10.59
N HIS C 164 -18.39 1.50 9.58
CA HIS C 164 -16.94 1.49 9.84
C HIS C 164 -16.18 2.54 9.04
N GLY C 165 -16.84 3.56 8.47
CA GLY C 165 -16.17 4.56 7.65
C GLY C 165 -15.86 3.97 6.27
N HIS C 166 -15.39 4.84 5.38
CA HIS C 166 -15.13 4.41 3.99
C HIS C 166 -14.13 3.25 3.95
N SER C 167 -14.55 2.13 3.36
CA SER C 167 -13.82 0.86 3.46
C SER C 167 -13.80 0.14 2.11
N PRO C 168 -13.15 0.74 1.10
CA PRO C 168 -13.14 0.12 -0.24
C PRO C 168 -12.76 -1.33 -0.22
N ALA C 169 -11.77 -1.69 0.60
CA ALA C 169 -11.28 -3.07 0.52
C ALA C 169 -12.16 -4.09 1.21
N VAL C 170 -13.33 -3.68 1.72
CA VAL C 170 -14.16 -4.66 2.42
C VAL C 170 -14.81 -5.64 1.44
N VAL C 171 -14.93 -5.28 0.18
CA VAL C 171 -15.57 -6.16 -0.80
C VAL C 171 -14.84 -6.01 -2.13
N THR C 172 -14.81 -7.08 -2.93
CA THR C 172 -14.16 -7.00 -4.23
C THR C 172 -15.21 -7.27 -5.30
N GLY C 173 -14.81 -7.17 -6.55
CA GLY C 173 -15.81 -7.09 -7.61
C GLY C 173 -16.58 -5.80 -7.66
N LYS C 174 -16.04 -4.73 -7.04
CA LYS C 174 -16.67 -3.42 -7.05
C LYS C 174 -16.64 -2.82 -8.44
N PRO C 175 -17.56 -1.90 -8.73
CA PRO C 175 -17.43 -1.10 -9.96
C PRO C 175 -16.12 -0.34 -9.97
N ILE C 176 -15.59 -0.12 -11.16
CA ILE C 176 -14.34 0.62 -11.27
C ILE C 176 -14.46 1.98 -10.63
N ASP C 177 -15.64 2.61 -10.75
CA ASP C 177 -15.80 3.97 -10.22
C ASP C 177 -15.84 4.00 -8.72
N LEU C 178 -15.93 2.85 -8.05
CA LEU C 178 -15.91 2.78 -6.59
C LEU C 178 -14.75 1.91 -6.11
N GLY C 179 -13.62 1.98 -6.82
CA GLY C 179 -12.43 1.30 -6.35
C GLY C 179 -12.23 -0.09 -6.89
N GLY C 180 -12.99 -0.50 -7.89
CA GLY C 180 -12.84 -1.84 -8.42
C GLY C 180 -11.55 -1.93 -9.22
N SER C 181 -11.14 -3.14 -9.49
CA SER C 181 -9.95 -3.35 -10.31
C SER C 181 -10.38 -3.62 -11.74
N LEU C 182 -9.73 -2.94 -12.65
CA LEU C 182 -9.70 -3.38 -14.03
C LEU C 182 -9.29 -4.83 -14.10
N GLY C 183 -9.98 -5.59 -14.94
CA GLY C 183 -9.72 -7.01 -15.11
C GLY C 183 -10.57 -7.95 -14.25
N ARG C 184 -11.27 -7.44 -13.23
CA ARG C 184 -11.94 -8.34 -12.30
C ARG C 184 -13.19 -8.95 -12.90
N GLU C 185 -13.90 -8.21 -13.74
CA GLU C 185 -15.12 -8.75 -14.30
C GLU C 185 -14.82 -9.96 -15.18
N ALA C 186 -13.78 -9.88 -16.02
CA ALA C 186 -13.40 -10.96 -16.94
C ALA C 186 -12.53 -12.04 -16.29
N ALA C 187 -12.13 -11.86 -15.03
CA ALA C 187 -10.98 -12.58 -14.50
C ALA C 187 -11.24 -14.08 -14.43
N THR C 188 -12.43 -14.47 -14.05
CA THR C 188 -12.69 -15.89 -13.86
C THR C 188 -12.68 -16.60 -15.19
N GLY C 189 -13.39 -16.06 -16.19
CA GLY C 189 -13.44 -16.75 -17.46
C GLY C 189 -12.10 -16.70 -18.16
N LEU C 190 -11.42 -15.57 -18.04
CA LEU C 190 -10.07 -15.50 -18.58
C LEU C 190 -9.16 -16.50 -17.87
N GLY C 191 -9.22 -16.52 -16.54
CA GLY C 191 -8.43 -17.51 -15.81
C GLY C 191 -8.74 -18.93 -16.23
N VAL C 192 -10.00 -19.21 -16.54
CA VAL C 192 -10.34 -20.57 -16.98
C VAL C 192 -9.58 -20.92 -18.26
N VAL C 193 -9.42 -19.92 -19.15
CA VAL C 193 -8.71 -20.15 -20.40
C VAL C 193 -7.20 -20.27 -20.17
N PHE C 194 -6.63 -19.43 -19.30
CA PHE C 194 -5.23 -19.61 -18.94
C PHE C 194 -4.99 -21.01 -18.38
N ALA C 195 -5.86 -21.46 -17.48
CA ALA C 195 -5.71 -22.81 -16.92
C ALA C 195 -5.83 -23.87 -18.01
N THR C 196 -6.81 -23.72 -18.90
CA THR C 196 -6.97 -24.68 -20.00
C THR C 196 -5.75 -24.70 -20.91
N GLU C 197 -5.22 -23.52 -21.25
CA GLU C 197 -4.02 -23.46 -22.09
C GLU C 197 -2.84 -24.17 -21.44
N ALA C 198 -2.64 -23.98 -20.14
CA ALA C 198 -1.55 -24.66 -19.46
C ALA C 198 -1.73 -26.17 -19.53
N LEU C 199 -2.94 -26.65 -19.28
CA LEU C 199 -3.21 -28.08 -19.39
C LEU C 199 -2.92 -28.60 -20.80
N PHE C 200 -3.53 -27.96 -21.81
CA PHE C 200 -3.43 -28.50 -23.17
C PHE C 200 -2.00 -28.49 -23.66
N ALA C 201 -1.21 -27.52 -23.21
CA ALA C 201 0.21 -27.51 -23.56
C ALA C 201 0.87 -28.83 -23.21
N GLU C 202 0.44 -29.47 -22.12
CA GLU C 202 1.03 -30.74 -21.71
C GLU C 202 0.80 -31.84 -22.73
N TYR C 203 -0.29 -31.75 -23.50
CA TYR C 203 -0.59 -32.70 -24.54
C TYR C 203 -0.15 -32.22 -25.91
N GLY C 204 0.51 -31.08 -25.97
CA GLY C 204 0.87 -30.51 -27.24
C GLY C 204 -0.32 -30.02 -28.05
N LYS C 205 -1.45 -29.74 -27.37
CA LYS C 205 -2.65 -29.29 -28.04
C LYS C 205 -2.86 -27.80 -27.80
N SER C 206 -3.73 -27.22 -28.62
CA SER C 206 -4.11 -25.83 -28.48
C SER C 206 -5.62 -25.73 -28.47
N ILE C 207 -6.10 -24.64 -27.88
CA ILE C 207 -7.53 -24.38 -27.81
C ILE C 207 -8.13 -24.36 -29.20
N SER C 208 -7.39 -23.82 -30.17
CA SER C 208 -7.85 -23.76 -31.54
C SER C 208 -8.03 -25.14 -32.16
N ASP C 209 -7.56 -26.21 -31.52
CA ASP C 209 -7.78 -27.55 -32.04
C ASP C 209 -9.10 -28.19 -31.62
N MET C 210 -9.82 -27.57 -30.69
CA MET C 210 -10.86 -28.24 -29.94
C MET C 210 -12.23 -27.64 -30.22
N THR C 211 -13.24 -28.44 -29.90
CA THR C 211 -14.62 -28.00 -29.77
C THR C 211 -15.02 -28.01 -28.31
N PHE C 212 -15.94 -27.12 -27.96
CA PHE C 212 -16.28 -26.78 -26.59
C PHE C 212 -17.78 -26.71 -26.47
N ALA C 213 -18.34 -27.30 -25.40
CA ALA C 213 -19.69 -27.01 -24.96
C ALA C 213 -19.65 -26.34 -23.60
N ILE C 214 -20.58 -25.43 -23.37
CA ILE C 214 -20.54 -24.55 -22.21
C ILE C 214 -21.93 -24.50 -21.60
N GLN C 215 -22.02 -24.82 -20.32
CA GLN C 215 -23.29 -24.77 -19.61
C GLN C 215 -23.25 -23.56 -18.72
N GLY C 216 -24.16 -22.61 -18.97
CA GLY C 216 -24.20 -21.40 -18.16
C GLY C 216 -23.63 -20.28 -19.00
N PHE C 217 -24.19 -19.08 -18.89
CA PHE C 217 -23.74 -17.99 -19.76
C PHE C 217 -23.94 -16.68 -19.01
N GLY C 218 -23.42 -16.63 -17.78
CA GLY C 218 -23.41 -15.38 -17.02
C GLY C 218 -22.01 -14.82 -16.97
N ASN C 219 -21.60 -14.37 -15.79
CA ASN C 219 -20.29 -13.74 -15.65
C ASN C 219 -19.16 -14.70 -16.05
N VAL C 220 -19.23 -15.95 -15.60
CA VAL C 220 -18.14 -16.87 -15.92
C VAL C 220 -18.29 -17.39 -17.35
N GLY C 221 -19.49 -17.85 -17.70
CA GLY C 221 -19.69 -18.45 -19.01
C GLY C 221 -19.43 -17.50 -20.18
N THR C 222 -19.93 -16.26 -20.09
CA THR C 222 -19.73 -15.32 -21.20
C THR C 222 -18.24 -15.03 -21.43
N TRP C 223 -17.51 -14.65 -20.36
CA TRP C 223 -16.10 -14.32 -20.53
C TRP C 223 -15.30 -15.55 -20.92
N ALA C 224 -15.66 -16.71 -20.39
CA ALA C 224 -14.96 -17.92 -20.80
C ALA C 224 -15.18 -18.20 -22.29
N ALA C 225 -16.42 -18.14 -22.73
CA ALA C 225 -16.71 -18.43 -24.13
C ALA C 225 -16.02 -17.42 -25.04
N LYS C 226 -16.05 -16.14 -24.64
CA LYS C 226 -15.42 -15.08 -25.42
C LYS C 226 -13.93 -15.34 -25.60
N ALA C 227 -13.24 -15.65 -24.50
CA ALA C 227 -11.80 -15.88 -24.57
C ALA C 227 -11.47 -17.12 -25.38
N ILE C 228 -12.27 -18.17 -25.26
CA ILE C 228 -12.04 -19.38 -26.07
C ILE C 228 -12.24 -19.03 -27.53
N PHE C 229 -13.39 -18.42 -27.83
CA PHE C 229 -13.67 -17.98 -29.19
C PHE C 229 -12.53 -17.16 -29.76
N GLU C 230 -11.99 -16.22 -28.97
CA GLU C 230 -10.98 -15.34 -29.56
C GLU C 230 -9.72 -16.11 -29.89
N ARG C 231 -9.41 -17.14 -29.13
CA ARG C 231 -8.22 -17.95 -29.40
C ARG C 231 -8.50 -19.04 -30.43
N GLY C 232 -9.62 -18.98 -31.16
CA GLY C 232 -9.87 -19.90 -32.24
C GLY C 232 -10.58 -21.17 -31.85
N GLY C 233 -11.00 -21.31 -30.60
CA GLY C 233 -11.81 -22.45 -30.20
C GLY C 233 -13.16 -22.42 -30.88
N LYS C 234 -13.68 -23.62 -31.16
CA LYS C 234 -15.00 -23.78 -31.76
C LYS C 234 -16.02 -24.08 -30.66
N VAL C 235 -16.90 -23.14 -30.37
CA VAL C 235 -17.89 -23.29 -29.30
C VAL C 235 -19.17 -23.77 -29.96
N VAL C 236 -19.49 -25.07 -29.81
CA VAL C 236 -20.57 -25.69 -30.57
C VAL C 236 -21.88 -25.76 -29.80
N ALA C 237 -21.88 -25.44 -28.51
CA ALA C 237 -23.13 -25.45 -27.77
C ALA C 237 -22.98 -24.60 -26.52
N VAL C 238 -24.04 -23.83 -26.24
CA VAL C 238 -24.15 -23.00 -25.05
C VAL C 238 -25.56 -23.13 -24.53
N SER C 239 -25.70 -23.20 -23.20
CA SER C 239 -26.98 -23.29 -22.53
C SER C 239 -27.01 -22.26 -21.41
N ASP C 240 -28.22 -21.86 -21.05
CA ASP C 240 -28.47 -21.15 -19.80
C ASP C 240 -29.79 -21.65 -19.21
N ILE C 241 -30.32 -20.95 -18.22
CA ILE C 241 -31.44 -21.56 -17.53
C ILE C 241 -32.69 -21.57 -18.41
N ASN C 242 -32.71 -20.79 -19.50
CA ASN C 242 -33.91 -20.63 -20.32
C ASN C 242 -33.86 -21.42 -21.62
N GLY C 243 -32.69 -21.85 -22.06
CA GLY C 243 -32.60 -22.48 -23.36
C GLY C 243 -31.16 -22.75 -23.71
N ALA C 244 -30.97 -23.20 -24.94
CA ALA C 244 -29.64 -23.50 -25.41
C ALA C 244 -29.60 -23.36 -26.92
N ILE C 245 -28.38 -23.28 -27.43
CA ILE C 245 -28.12 -23.05 -28.85
C ILE C 245 -26.90 -23.86 -29.23
N SER C 246 -26.90 -24.40 -30.45
CA SER C 246 -25.79 -25.22 -30.92
C SER C 246 -25.46 -24.93 -32.38
N ASN C 247 -24.23 -25.21 -32.74
CA ASN C 247 -23.82 -25.11 -34.13
C ASN C 247 -22.55 -25.95 -34.27
N PRO C 248 -22.59 -27.07 -34.99
CA PRO C 248 -21.39 -27.91 -35.08
C PRO C 248 -20.21 -27.24 -35.79
N ASN C 249 -20.43 -26.12 -36.47
CA ASN C 249 -19.34 -25.35 -37.10
C ASN C 249 -18.78 -24.27 -36.19
N GLY C 250 -19.37 -24.07 -35.02
CA GLY C 250 -18.92 -23.01 -34.12
C GLY C 250 -19.95 -21.89 -34.09
N ILE C 251 -20.29 -21.48 -32.91
CA ILE C 251 -21.15 -20.32 -32.76
C ILE C 251 -20.26 -19.08 -32.82
N ASP C 252 -20.74 -18.04 -33.50
CA ASP C 252 -20.09 -16.72 -33.42
C ASP C 252 -20.39 -16.12 -32.05
N ILE C 253 -19.46 -16.32 -31.12
CA ILE C 253 -19.73 -15.93 -29.75
C ILE C 253 -19.89 -14.43 -29.64
N ALA C 254 -19.13 -13.67 -30.43
CA ALA C 254 -19.24 -12.21 -30.33
C ALA C 254 -20.64 -11.78 -30.71
N ALA C 255 -21.21 -12.38 -31.75
CA ALA C 255 -22.59 -12.10 -32.10
C ALA C 255 -23.55 -12.66 -31.06
N LEU C 256 -23.23 -13.79 -30.44
CA LEU C 256 -24.14 -14.29 -29.41
C LEU C 256 -24.18 -13.35 -28.23
N LEU C 257 -23.04 -12.75 -27.91
CA LEU C 257 -23.00 -11.83 -26.78
C LEU C 257 -23.74 -10.55 -27.08
N LYS C 258 -23.70 -10.07 -28.31
CA LYS C 258 -24.46 -8.87 -28.64
C LYS C 258 -25.95 -9.18 -28.60
N HIS C 259 -26.29 -10.36 -29.09
CA HIS C 259 -27.69 -10.77 -29.06
C HIS C 259 -28.19 -10.79 -27.62
N LYS C 260 -27.39 -11.38 -26.71
CA LYS C 260 -27.76 -11.45 -25.29
C LYS C 260 -27.90 -10.05 -24.69
N ALA C 261 -27.00 -9.13 -25.03
CA ALA C 261 -27.04 -7.79 -24.46
C ALA C 261 -28.27 -7.01 -24.93
N GLY C 262 -28.74 -7.28 -26.14
CA GLY C 262 -29.98 -6.73 -26.64
C GLY C 262 -31.18 -7.51 -26.15
N ASN C 263 -30.99 -8.26 -25.06
CA ASN C 263 -32.02 -9.03 -24.35
C ASN C 263 -32.54 -10.23 -25.14
N GLY C 264 -31.77 -10.79 -26.06
CA GLY C 264 -32.20 -11.99 -26.76
C GLY C 264 -31.99 -13.25 -25.93
N SER C 265 -32.79 -14.27 -26.24
N SER C 265 -32.77 -14.27 -26.24
CA SER C 265 -32.64 -15.58 -25.61
CA SER C 265 -32.63 -15.57 -25.60
C SER C 265 -31.75 -16.46 -26.49
C SER C 265 -31.82 -16.51 -26.48
N LEU C 266 -30.99 -17.35 -25.85
CA LEU C 266 -30.09 -18.23 -26.61
C LEU C 266 -30.83 -18.92 -27.74
N LYS C 267 -32.01 -19.48 -27.44
CA LYS C 267 -32.67 -20.35 -28.40
C LYS C 267 -33.15 -19.59 -29.62
N ASP C 268 -33.24 -18.27 -29.55
CA ASP C 268 -33.69 -17.47 -30.68
C ASP C 268 -32.53 -16.96 -31.53
N PHE C 269 -31.27 -17.24 -31.13
CA PHE C 269 -30.12 -16.75 -31.88
C PHE C 269 -30.13 -17.27 -33.31
N SER C 270 -29.95 -16.36 -34.26
CA SER C 270 -30.07 -16.72 -35.68
C SER C 270 -28.88 -17.57 -36.12
N GLY C 271 -27.71 -17.43 -35.48
CA GLY C 271 -26.52 -18.15 -35.92
C GLY C 271 -26.37 -19.55 -35.37
N GLY C 272 -27.48 -20.20 -35.04
CA GLY C 272 -27.41 -21.51 -34.43
C GLY C 272 -28.76 -22.20 -34.48
N ASP C 273 -28.79 -23.43 -33.98
CA ASP C 273 -30.01 -24.22 -33.88
C ASP C 273 -30.43 -24.32 -32.42
N ALA C 274 -31.70 -24.04 -32.13
CA ALA C 274 -32.23 -24.20 -30.79
C ALA C 274 -32.01 -25.63 -30.31
N MET C 275 -31.62 -25.77 -29.06
CA MET C 275 -31.31 -27.05 -28.45
C MET C 275 -32.02 -27.17 -27.11
N ASN C 276 -32.39 -28.39 -26.77
CA ASN C 276 -32.84 -28.70 -25.41
C ASN C 276 -31.66 -28.58 -24.45
N PRO C 277 -31.71 -27.69 -23.44
CA PRO C 277 -30.54 -27.54 -22.54
C PRO C 277 -30.19 -28.79 -21.77
N ASN C 278 -31.12 -29.71 -21.60
CA ASN C 278 -30.80 -30.99 -20.96
C ASN C 278 -29.81 -31.82 -21.77
N ASP C 279 -29.63 -31.48 -23.05
CA ASP C 279 -28.67 -32.19 -23.90
C ASP C 279 -27.27 -31.63 -23.78
N LEU C 280 -27.09 -30.56 -23.02
CA LEU C 280 -25.81 -29.84 -23.09
C LEU C 280 -24.67 -30.72 -22.60
N LEU C 281 -24.79 -31.29 -21.40
CA LEU C 281 -23.64 -31.96 -20.80
C LEU C 281 -23.24 -33.23 -21.56
N VAL C 282 -24.15 -33.85 -22.30
CA VAL C 282 -23.83 -35.05 -23.04
C VAL C 282 -23.66 -34.74 -24.53
N HIS C 283 -23.48 -33.48 -24.88
CA HIS C 283 -23.30 -33.09 -26.28
C HIS C 283 -21.93 -33.54 -26.76
N ASP C 284 -21.82 -33.79 -28.06
CA ASP C 284 -20.54 -34.19 -28.61
C ASP C 284 -19.62 -32.97 -28.66
N CYS C 285 -18.46 -33.09 -28.02
CA CYS C 285 -17.50 -32.00 -27.99
C CYS C 285 -16.19 -32.60 -27.52
N ASP C 286 -15.13 -31.84 -27.70
CA ASP C 286 -13.85 -32.22 -27.12
C ASP C 286 -13.79 -31.84 -25.65
N VAL C 287 -14.33 -30.67 -25.31
CA VAL C 287 -14.14 -30.06 -24.02
C VAL C 287 -15.49 -29.58 -23.48
N LEU C 288 -15.80 -29.95 -22.24
CA LEU C 288 -17.03 -29.54 -21.60
C LEU C 288 -16.68 -28.57 -20.47
N ILE C 289 -17.36 -27.43 -20.41
CA ILE C 289 -17.09 -26.41 -19.40
C ILE C 289 -18.38 -26.07 -18.67
N PRO C 290 -18.71 -26.75 -17.57
CA PRO C 290 -19.80 -26.30 -16.70
C PRO C 290 -19.49 -24.93 -16.11
N CYS C 291 -20.39 -23.95 -16.38
CA CYS C 291 -20.27 -22.59 -15.82
C CYS C 291 -21.54 -22.17 -15.08
N ALA C 292 -22.24 -23.11 -14.46
CA ALA C 292 -23.47 -22.81 -13.74
C ALA C 292 -23.49 -23.47 -12.37
N LEU C 293 -24.44 -24.37 -12.12
CA LEU C 293 -24.56 -24.97 -10.80
C LEU C 293 -23.56 -26.13 -10.60
N GLY C 294 -23.46 -26.56 -9.35
CA GLY C 294 -22.63 -27.69 -8.98
C GLY C 294 -23.40 -29.00 -8.94
N GLY C 295 -22.64 -30.09 -8.94
CA GLY C 295 -23.26 -31.42 -8.82
C GLY C 295 -23.96 -31.91 -10.07
N VAL C 296 -23.75 -31.25 -11.21
CA VAL C 296 -24.50 -31.54 -12.42
C VAL C 296 -23.96 -32.73 -13.20
N LEU C 297 -22.69 -33.10 -13.00
CA LEU C 297 -22.15 -34.36 -13.51
C LEU C 297 -22.18 -35.35 -12.35
N ASN C 298 -23.01 -36.39 -12.47
CA ASN C 298 -23.28 -37.28 -11.36
C ASN C 298 -23.38 -38.72 -11.88
N LYS C 299 -23.68 -39.65 -10.99
CA LYS C 299 -23.70 -41.07 -11.40
C LYS C 299 -24.67 -41.31 -12.54
N GLU C 300 -25.64 -40.43 -12.74
CA GLU C 300 -26.75 -40.73 -13.62
C GLU C 300 -26.52 -40.28 -15.07
N ASN C 301 -25.56 -39.40 -15.30
CA ASN C 301 -25.29 -38.93 -16.65
C ASN C 301 -23.83 -39.05 -17.07
N ALA C 302 -22.94 -39.44 -16.16
CA ALA C 302 -21.52 -39.32 -16.44
C ALA C 302 -21.09 -40.31 -17.52
N ASN C 303 -21.72 -41.46 -17.60
CA ASN C 303 -21.40 -42.40 -18.66
C ASN C 303 -21.76 -41.92 -20.06
N ASP C 304 -22.52 -40.84 -20.20
CA ASP C 304 -22.90 -40.33 -21.51
C ASP C 304 -22.19 -39.03 -21.87
N VAL C 305 -21.30 -38.56 -21.02
CA VAL C 305 -20.40 -37.47 -21.40
C VAL C 305 -19.55 -37.92 -22.57
N LYS C 306 -19.45 -37.08 -23.61
CA LYS C 306 -18.63 -37.38 -24.77
C LYS C 306 -17.27 -36.71 -24.74
N ALA C 307 -17.08 -35.72 -23.87
CA ALA C 307 -15.85 -34.95 -23.92
C ALA C 307 -14.70 -35.76 -23.35
N LYS C 308 -13.48 -35.48 -23.83
CA LYS C 308 -12.23 -35.99 -23.27
C LYS C 308 -11.68 -35.10 -22.16
N PHE C 309 -12.07 -33.82 -22.12
CA PHE C 309 -11.64 -32.86 -21.09
C PHE C 309 -12.84 -32.17 -20.48
N ILE C 310 -12.82 -31.99 -19.16
CA ILE C 310 -13.80 -31.17 -18.46
C ILE C 310 -13.01 -30.10 -17.72
N ILE C 311 -13.36 -28.84 -17.96
CA ILE C 311 -12.76 -27.72 -17.25
C ILE C 311 -13.80 -27.22 -16.26
N GLU C 312 -13.51 -27.33 -14.97
CA GLU C 312 -14.51 -26.94 -13.99
C GLU C 312 -14.50 -25.43 -13.77
N ALA C 313 -15.29 -24.69 -14.55
CA ALA C 313 -15.39 -23.26 -14.29
C ALA C 313 -16.33 -23.00 -13.11
N ALA C 314 -17.50 -23.63 -13.12
CA ALA C 314 -18.37 -23.61 -11.95
C ALA C 314 -17.65 -24.21 -10.76
N ASN C 315 -18.18 -23.94 -9.57
CA ASN C 315 -17.75 -24.65 -8.39
C ASN C 315 -18.45 -26.01 -8.28
N HIS C 316 -17.66 -27.02 -7.93
CA HIS C 316 -17.99 -28.44 -7.79
C HIS C 316 -19.08 -28.95 -8.72
N PRO C 317 -18.89 -28.84 -10.03
CA PRO C 317 -19.88 -29.39 -10.98
C PRO C 317 -19.90 -30.90 -11.04
N THR C 318 -18.81 -31.57 -10.66
CA THR C 318 -18.63 -33.01 -10.82
C THR C 318 -18.59 -33.62 -9.43
N ASP C 319 -19.42 -34.59 -9.17
CA ASP C 319 -19.38 -35.20 -7.84
C ASP C 319 -18.47 -36.42 -7.87
N PRO C 320 -18.14 -36.97 -6.71
CA PRO C 320 -17.18 -38.08 -6.69
C PRO C 320 -17.60 -39.30 -7.46
N ASP C 321 -18.89 -39.63 -7.47
CA ASP C 321 -19.35 -40.74 -8.29
C ASP C 321 -18.96 -40.52 -9.75
N ALA C 322 -19.25 -39.34 -10.28
CA ALA C 322 -18.93 -39.05 -11.68
C ALA C 322 -17.42 -39.01 -11.93
N ASP C 323 -16.67 -38.46 -10.98
CA ASP C 323 -15.21 -38.49 -11.09
C ASP C 323 -14.72 -39.87 -11.49
N GLU C 324 -15.19 -40.91 -10.79
CA GLU C 324 -14.66 -42.25 -11.03
C GLU C 324 -15.14 -42.81 -12.36
N ILE C 325 -16.42 -42.61 -12.70
CA ILE C 325 -16.90 -43.03 -14.01
C ILE C 325 -16.08 -42.37 -15.11
N LEU C 326 -15.83 -41.08 -14.98
CA LEU C 326 -15.17 -40.35 -16.04
C LEU C 326 -13.71 -40.72 -16.13
N SER C 327 -13.09 -41.07 -15.00
CA SER C 327 -11.71 -41.52 -15.02
C SER C 327 -11.56 -42.81 -15.80
N LYS C 328 -12.55 -43.68 -15.74
CA LYS C 328 -12.47 -44.95 -16.46
C LYS C 328 -12.75 -44.78 -17.94
N LYS C 329 -13.50 -43.73 -18.31
CA LYS C 329 -13.73 -43.38 -19.71
C LYS C 329 -12.54 -42.67 -20.35
N GLY C 330 -11.52 -42.33 -19.58
CA GLY C 330 -10.37 -41.61 -20.09
C GLY C 330 -10.50 -40.12 -20.05
N VAL C 331 -11.50 -39.58 -19.35
CA VAL C 331 -11.74 -38.15 -19.28
C VAL C 331 -10.77 -37.53 -18.29
N ILE C 332 -10.19 -36.38 -18.66
CA ILE C 332 -9.31 -35.57 -17.80
C ILE C 332 -10.10 -34.38 -17.30
N ILE C 333 -10.03 -34.10 -16.00
CA ILE C 333 -10.86 -33.06 -15.38
C ILE C 333 -9.93 -32.06 -14.68
N LEU C 334 -9.95 -30.82 -15.15
CA LEU C 334 -9.21 -29.77 -14.49
C LEU C 334 -10.07 -29.21 -13.37
N PRO C 335 -9.65 -29.30 -12.12
CA PRO C 335 -10.57 -29.08 -11.01
C PRO C 335 -10.90 -27.62 -10.75
N ASP C 336 -12.06 -27.42 -10.11
CA ASP C 336 -12.54 -26.08 -9.82
C ASP C 336 -11.53 -25.28 -9.02
N VAL C 337 -10.95 -25.90 -7.98
CA VAL C 337 -10.09 -25.18 -7.06
C VAL C 337 -8.83 -24.68 -7.71
N TYR C 338 -8.57 -25.01 -8.97
CA TYR C 338 -7.58 -24.30 -9.77
C TYR C 338 -8.23 -23.51 -10.89
N ALA C 339 -9.05 -24.15 -11.69
CA ALA C 339 -9.44 -23.58 -12.98
C ALA C 339 -10.21 -22.27 -12.83
N ASN C 340 -11.06 -22.16 -11.81
CA ASN C 340 -11.86 -20.95 -11.70
C ASN C 340 -11.27 -19.96 -10.71
N ALA C 341 -10.03 -20.16 -10.31
CA ALA C 341 -9.38 -19.32 -9.31
C ALA C 341 -8.93 -17.95 -9.83
N GLY C 342 -9.09 -17.66 -11.12
CA GLY C 342 -8.74 -16.35 -11.61
C GLY C 342 -9.50 -15.25 -10.90
N GLY C 343 -10.75 -15.51 -10.54
CA GLY C 343 -11.58 -14.47 -9.98
C GLY C 343 -11.10 -14.06 -8.61
N VAL C 344 -10.83 -15.04 -7.74
CA VAL C 344 -10.38 -14.67 -6.40
C VAL C 344 -8.97 -14.12 -6.46
N THR C 345 -8.17 -14.58 -7.44
CA THR C 345 -6.83 -14.03 -7.62
C THR C 345 -6.89 -12.55 -7.97
N VAL C 346 -7.72 -12.17 -8.94
CA VAL C 346 -7.82 -10.75 -9.22
C VAL C 346 -8.54 -10.01 -8.09
N SER C 347 -9.52 -10.61 -7.41
CA SER C 347 -10.02 -10.00 -6.17
C SER C 347 -8.90 -9.65 -5.21
N TYR C 348 -7.90 -10.54 -5.08
CA TYR C 348 -6.77 -10.21 -4.21
C TYR C 348 -6.07 -8.94 -4.68
N PHE C 349 -5.90 -8.79 -5.99
CA PHE C 349 -5.21 -7.61 -6.51
C PHE C 349 -6.07 -6.39 -6.25
N GLU C 350 -7.38 -6.55 -6.39
CA GLU C 350 -8.26 -5.40 -6.15
C GLU C 350 -8.11 -4.95 -4.72
N TRP C 351 -8.10 -5.91 -3.80
CA TRP C 351 -7.93 -5.63 -2.38
C TRP C 351 -6.59 -4.98 -2.08
N VAL C 352 -5.50 -5.50 -2.68
CA VAL C 352 -4.19 -4.87 -2.51
C VAL C 352 -4.23 -3.43 -2.99
N GLN C 353 -4.74 -3.21 -4.20
CA GLN C 353 -4.80 -1.84 -4.72
C GLN C 353 -5.57 -0.94 -3.75
N ASN C 354 -6.66 -1.41 -3.19
CA ASN C 354 -7.45 -0.56 -2.30
C ASN C 354 -6.68 -0.25 -1.02
N ILE C 355 -6.01 -1.24 -0.42
CA ILE C 355 -5.36 -0.94 0.85
C ILE C 355 -4.10 -0.11 0.60
N GLN C 356 -3.50 -0.20 -0.59
CA GLN C 356 -2.38 0.64 -0.98
C GLN C 356 -2.81 2.02 -1.39
N GLY C 357 -4.11 2.27 -1.42
CA GLY C 357 -4.72 3.55 -1.75
C GLY C 357 -4.48 4.01 -3.15
N PHE C 358 -4.05 3.12 -4.06
CA PHE C 358 -3.45 3.56 -5.32
C PHE C 358 -3.61 2.45 -6.33
N MET C 359 -4.23 2.73 -7.47
CA MET C 359 -4.59 1.66 -8.39
C MET C 359 -3.39 1.32 -9.27
N TRP C 360 -3.33 0.05 -9.71
CA TRP C 360 -2.36 -0.41 -10.69
C TRP C 360 -2.87 -0.19 -12.13
N ASP C 361 -1.94 -0.03 -13.05
CA ASP C 361 -2.23 -0.15 -14.48
C ASP C 361 -2.86 -1.51 -14.79
N GLU C 362 -3.76 -1.53 -15.79
CA GLU C 362 -4.45 -2.79 -16.09
C GLU C 362 -3.48 -3.87 -16.53
N GLU C 363 -2.36 -3.47 -17.15
CA GLU C 363 -1.41 -4.48 -17.62
C GLU C 363 -0.77 -5.23 -16.46
N LYS C 364 -0.56 -4.56 -15.32
CA LYS C 364 0.00 -5.27 -14.18
C LYS C 364 -0.99 -6.32 -13.68
N VAL C 365 -2.27 -5.98 -13.63
CA VAL C 365 -3.26 -6.95 -13.16
C VAL C 365 -3.21 -8.20 -14.03
N ASN C 366 -3.18 -8.03 -15.34
CA ASN C 366 -3.12 -9.22 -16.18
C ASN C 366 -1.76 -9.90 -16.16
N GLN C 367 -0.65 -9.15 -16.04
CA GLN C 367 0.65 -9.79 -15.87
C GLN C 367 0.63 -10.70 -14.65
N GLU C 368 0.09 -10.23 -13.53
CA GLU C 368 0.13 -11.03 -12.32
C GLU C 368 -0.84 -12.20 -12.39
N LEU C 369 -2.02 -12.00 -12.97
CA LEU C 369 -2.96 -13.10 -13.09
C LEU C 369 -2.30 -14.25 -13.83
N LYS C 370 -1.66 -13.95 -14.98
CA LYS C 370 -0.95 -15.00 -15.72
C LYS C 370 0.10 -15.67 -14.85
N ARG C 371 0.88 -14.86 -14.13
CA ARG C 371 1.98 -15.39 -13.32
C ARG C 371 1.47 -16.33 -12.25
N TYR C 372 0.41 -15.92 -11.55
CA TYR C 372 -0.19 -16.74 -10.50
C TYR C 372 -0.79 -18.02 -11.07
N MET C 373 -1.52 -17.95 -12.19
CA MET C 373 -2.14 -19.15 -12.72
C MET C 373 -1.10 -20.12 -13.28
N THR C 374 0.00 -19.60 -13.83
CA THR C 374 1.07 -20.47 -14.32
C THR C 374 1.79 -21.13 -13.15
N LYS C 375 2.21 -20.35 -12.18
CA LYS C 375 2.85 -20.93 -11.00
C LYS C 375 1.97 -22.03 -10.39
N ALA C 376 0.68 -21.78 -10.22
CA ALA C 376 -0.17 -22.78 -9.59
C ALA C 376 -0.29 -24.04 -10.44
N PHE C 377 -0.40 -23.90 -11.76
CA PHE C 377 -0.42 -25.11 -12.56
C PHE C 377 0.90 -25.88 -12.40
N ASN C 378 2.01 -25.18 -12.38
CA ASN C 378 3.27 -25.90 -12.22
C ASN C 378 3.39 -26.56 -10.85
N ASP C 379 2.83 -25.96 -9.81
CA ASP C 379 2.82 -26.62 -8.50
C ASP C 379 1.96 -27.88 -8.54
N ILE C 380 0.80 -27.81 -9.19
CA ILE C 380 -0.12 -28.95 -9.24
C ILE C 380 0.53 -30.13 -9.94
N LYS C 381 1.12 -29.88 -11.12
CA LYS C 381 1.90 -30.89 -11.86
C LYS C 381 2.88 -31.61 -10.95
N ALA C 382 3.72 -30.84 -10.25
CA ALA C 382 4.73 -31.44 -9.39
C ALA C 382 4.09 -32.26 -8.28
N ASN C 383 2.99 -31.76 -7.73
CA ASN C 383 2.31 -32.45 -6.64
C ASN C 383 1.69 -33.75 -7.13
N CYS C 384 1.14 -33.75 -8.35
CA CYS C 384 0.63 -34.98 -8.94
C CYS C 384 1.72 -36.00 -9.08
N LYS C 385 2.94 -35.55 -9.39
CA LYS C 385 4.03 -36.50 -9.59
C LYS C 385 4.42 -37.12 -8.26
N THR C 386 4.53 -36.31 -7.22
CA THR C 386 4.99 -36.83 -5.95
C THR C 386 3.95 -37.73 -5.30
N HIS C 387 2.67 -37.48 -5.57
CA HIS C 387 1.59 -38.22 -4.94
C HIS C 387 0.92 -39.18 -5.92
N ASN C 388 1.39 -39.22 -7.17
CA ASN C 388 0.88 -40.16 -8.16
C ASN C 388 -0.65 -40.14 -8.19
N CYS C 389 -1.22 -38.94 -8.29
CA CYS C 389 -2.66 -38.76 -8.24
C CYS C 389 -3.15 -37.97 -9.46
N ASP C 390 -4.48 -37.88 -9.59
CA ASP C 390 -5.15 -37.17 -10.67
C ASP C 390 -5.17 -35.67 -10.38
N LEU C 391 -5.57 -34.87 -11.37
CA LEU C 391 -5.43 -33.43 -11.22
C LEU C 391 -6.22 -32.91 -10.03
N ARG C 392 -7.44 -33.41 -9.82
CA ARG C 392 -8.22 -32.90 -8.69
C ARG C 392 -7.45 -33.05 -7.38
N MET C 393 -6.98 -34.26 -7.09
CA MET C 393 -6.26 -34.47 -5.83
C MET C 393 -4.91 -33.75 -5.83
N GLY C 394 -4.30 -33.59 -7.00
CA GLY C 394 -3.07 -32.81 -7.05
C GLY C 394 -3.26 -31.41 -6.51
N ALA C 395 -4.33 -30.75 -6.95
CA ALA C 395 -4.62 -29.38 -6.51
C ALA C 395 -5.17 -29.35 -5.09
N PHE C 396 -6.07 -30.28 -4.78
CA PHE C 396 -6.70 -30.32 -3.47
C PHE C 396 -5.66 -30.56 -2.36
N THR C 397 -4.75 -31.53 -2.56
CA THR C 397 -3.70 -31.76 -1.58
C THR C 397 -2.72 -30.60 -1.52
N LEU C 398 -2.49 -29.91 -2.64
CA LEU C 398 -1.60 -28.76 -2.59
C LEU C 398 -2.15 -27.71 -1.64
N GLY C 399 -3.45 -27.39 -1.76
CA GLY C 399 -4.02 -26.35 -0.91
C GLY C 399 -4.20 -26.84 0.51
N LEU C 400 -4.72 -28.07 0.68
CA LEU C 400 -4.88 -28.60 2.02
C LEU C 400 -3.56 -28.61 2.78
N ASN C 401 -2.47 -29.03 2.13
CA ASN C 401 -1.18 -29.09 2.79
C ASN C 401 -0.72 -27.70 3.21
N ARG C 402 -0.88 -26.71 2.35
CA ARG C 402 -0.52 -25.35 2.73
C ARG C 402 -1.35 -24.86 3.91
N VAL C 403 -2.65 -25.17 3.91
CA VAL C 403 -3.48 -24.75 5.03
C VAL C 403 -3.03 -25.45 6.32
N ALA C 404 -2.75 -26.75 6.24
CA ALA C 404 -2.25 -27.47 7.42
C ALA C 404 -0.97 -26.85 7.95
N ARG C 405 -0.08 -26.44 7.05
CA ARG C 405 1.21 -25.90 7.49
C ARG C 405 1.01 -24.57 8.24
N ALA C 406 0.11 -23.73 7.77
CA ALA C 406 -0.09 -22.46 8.45
C ALA C 406 -0.82 -22.65 9.77
N THR C 407 -1.71 -23.64 9.83
CA THR C 407 -2.45 -23.91 11.05
C THR C 407 -1.52 -24.40 12.15
N LEU C 408 -0.65 -25.35 11.80
CA LEU C 408 0.31 -25.88 12.78
C LEU C 408 1.25 -24.79 13.24
N LEU C 409 1.62 -23.90 12.34
CA LEU C 409 2.53 -22.83 12.66
C LEU C 409 1.91 -21.88 13.69
N ARG C 410 0.62 -21.62 13.59
CA ARG C 410 -0.01 -20.70 14.52
C ARG C 410 -0.17 -21.31 15.88
N GLY C 411 -0.29 -22.64 15.98
CA GLY C 411 -0.45 -23.27 17.28
C GLY C 411 -1.89 -23.26 17.80
N TRP C 412 -2.04 -23.82 19.00
CA TRP C 412 -3.36 -24.15 19.53
C TRP C 412 -3.61 -23.72 20.97
N GLU C 413 -2.63 -23.15 21.67
CA GLU C 413 -2.87 -22.72 23.03
C GLU C 413 -3.72 -21.45 23.00
N ALA C 414 -4.42 -21.21 24.10
CA ALA C 414 -5.41 -20.13 24.15
C ALA C 414 -4.77 -18.74 24.32
#